data_3GUU
#
_entry.id   3GUU
#
_cell.length_a   92.100
_cell.length_b   92.100
_cell.length_c   300.400
_cell.angle_alpha   90.00
_cell.angle_beta   90.00
_cell.angle_gamma   90.00
#
_symmetry.space_group_name_H-M   'P 43 21 2'
#
loop_
_entity.id
_entity.type
_entity.pdbx_description
1 polymer 'Lipase A'
2 non-polymer 'PENTAETHYLENE GLYCOL'
3 non-polymer GLYCEROL
4 non-polymer 'SULFATE ION'
5 water water
#
_entity_poly.entity_id   1
_entity_poly.type   'polypeptide(L)'
_entity_poly.pdbx_seq_one_letter_code
;MRVSLRSITSLLAAATAAVLAAPAAETLDRRAALPNPYDDPFYTTPSNIGTFAKGQVIQSRKVPTDIGNANNAASFQLQY
RTTNTQNEAVADVATVWIPAKPASPPKIFSYQVYEDATALDCAPSYSYLTGLDQPNKVTAVLDTPIIIGWALQQGYYVVS
SDHEGFKAAFIAGYEEGMAILDGIRALKNYQNLPSDSKVALEGYSGGAHATVWATSLAESYAPELNIVGASHGGTPVSAK
DTFTFLNGGPFAGFALAGVSGLSLAHPDMESFIEARLNAKGQRTLKQIRGRGFCLPQVVLTYPFLNVFSLVNDTNLLNEA
PIASILKQETVVQAEASYTVSVPKFPRFIWHAIPDEIVPYQPAATYVKEQCAKGANINFSPYPIAEHLTAEIFGLVPSLW
FIKQAFDGTTPKVICGTPIPAIAGITTPSADQVLGSDLANQLRSLDGKQSAFGKPFGPITPP
;
_entity_poly.pdbx_strand_id   A,B
#
# COMPACT_ATOMS: atom_id res chain seq x y z
N ALA A 32 0.14 1.44 2.36
CA ALA A 32 0.48 0.22 3.07
C ALA A 32 1.82 -0.34 2.59
N ALA A 33 2.16 -1.53 3.06
CA ALA A 33 3.44 -2.19 2.67
C ALA A 33 3.57 -2.46 1.17
N LEU A 34 2.44 -2.44 0.43
CA LEU A 34 2.45 -2.63 -1.03
C LEU A 34 1.58 -1.55 -1.68
N PRO A 35 1.65 -1.37 -3.00
CA PRO A 35 0.76 -0.38 -3.63
C PRO A 35 -0.70 -0.80 -3.46
N ASN A 36 -1.61 0.13 -3.72
CA ASN A 36 -3.01 -0.21 -3.80
C ASN A 36 -3.17 -1.34 -4.84
N PRO A 37 -4.00 -2.36 -4.56
CA PRO A 37 -4.20 -3.46 -5.53
C PRO A 37 -4.61 -2.99 -6.94
N TYR A 38 -5.37 -1.88 -7.02
CA TYR A 38 -5.70 -1.33 -8.35
C TYR A 38 -4.44 -0.98 -9.17
N ASP A 39 -3.35 -0.64 -8.47
CA ASP A 39 -2.13 -0.17 -9.07
C ASP A 39 -1.13 -1.29 -9.30
N ASP A 40 -1.54 -2.52 -9.01
CA ASP A 40 -0.60 -3.64 -8.87
C ASP A 40 -0.95 -4.82 -9.83
N PRO A 41 -0.03 -5.15 -10.78
CA PRO A 41 -0.26 -6.24 -11.74
C PRO A 41 -0.33 -7.65 -11.11
N PHE A 42 0.17 -7.83 -9.89
CA PHE A 42 -0.13 -8.99 -9.05
C PHE A 42 -1.64 -9.26 -8.95
N TYR A 43 -2.44 -8.22 -9.01
CA TYR A 43 -3.88 -8.36 -9.06
C TYR A 43 -4.48 -8.33 -10.50
N THR A 44 -3.88 -9.05 -11.42
CA THR A 44 -4.39 -9.12 -12.77
C THR A 44 -4.31 -10.53 -13.26
N THR A 45 -5.10 -10.89 -14.24
CA THR A 45 -5.09 -12.21 -14.78
C THR A 45 -4.28 -12.29 -16.06
N PRO A 46 -3.28 -13.15 -16.12
CA PRO A 46 -2.42 -13.20 -17.32
C PRO A 46 -3.15 -13.90 -18.47
N SER A 47 -2.74 -13.58 -19.69
CA SER A 47 -3.45 -14.06 -20.86
C SER A 47 -3.32 -15.56 -21.04
N ASN A 48 -2.32 -16.19 -20.42
CA ASN A 48 -2.19 -17.66 -20.48
C ASN A 48 -2.75 -18.42 -19.25
N ILE A 49 -3.70 -17.81 -18.55
CA ILE A 49 -4.34 -18.35 -17.36
C ILE A 49 -4.86 -19.79 -17.50
N GLY A 50 -5.38 -20.11 -18.69
CA GLY A 50 -5.94 -21.43 -19.01
C GLY A 50 -4.96 -22.58 -19.00
N THR A 51 -3.69 -22.27 -19.16
CA THR A 51 -2.62 -23.28 -19.06
C THR A 51 -2.28 -23.70 -17.63
N PHE A 52 -2.85 -23.01 -16.65
CA PHE A 52 -2.65 -23.35 -15.24
C PHE A 52 -3.74 -24.27 -14.74
N ALA A 53 -3.37 -25.25 -13.92
CA ALA A 53 -4.37 -26.03 -13.21
C ALA A 53 -5.01 -25.24 -12.04
N LYS A 54 -6.21 -25.66 -11.68
CA LYS A 54 -6.94 -25.16 -10.52
C LYS A 54 -6.09 -25.28 -9.26
N GLY A 55 -5.82 -24.12 -8.65
CA GLY A 55 -5.04 -24.09 -7.44
C GLY A 55 -3.56 -24.01 -7.69
N GLN A 56 -3.16 -23.90 -8.96
CA GLN A 56 -1.73 -23.89 -9.26
C GLN A 56 -1.19 -22.51 -9.00
N VAL A 57 -0.06 -22.44 -8.29
CA VAL A 57 0.60 -21.14 -7.97
C VAL A 57 1.27 -20.51 -9.20
N ILE A 58 0.75 -19.37 -9.66
CA ILE A 58 1.34 -18.59 -10.78
C ILE A 58 2.59 -17.83 -10.35
N GLN A 59 2.46 -17.04 -9.29
CA GLN A 59 3.61 -16.38 -8.66
C GLN A 59 3.30 -16.23 -7.15
N SER A 60 4.32 -15.86 -6.38
CA SER A 60 4.19 -15.69 -4.95
C SER A 60 5.11 -14.55 -4.50
N ARG A 61 4.83 -13.98 -3.34
CA ARG A 61 5.71 -12.97 -2.75
C ARG A 61 5.63 -12.97 -1.23
N LYS A 62 6.78 -12.81 -0.57
CA LYS A 62 6.81 -12.68 0.90
C LYS A 62 6.13 -11.35 1.26
N VAL A 63 5.25 -11.31 2.27
CA VAL A 63 4.63 -10.01 2.63
C VAL A 63 4.60 -9.82 4.11
N PRO A 64 4.77 -8.57 4.59
CA PRO A 64 4.68 -8.38 6.01
C PRO A 64 3.21 -8.15 6.41
N THR A 65 2.79 -8.82 7.48
CA THR A 65 1.41 -8.70 7.96
C THR A 65 1.45 -8.50 9.44
N ASP A 66 0.42 -7.83 9.96
CA ASP A 66 0.31 -7.60 11.41
C ASP A 66 0.29 -8.94 12.18
N ILE A 67 -0.55 -9.85 11.69
CA ILE A 67 -0.72 -11.19 12.26
C ILE A 67 0.59 -11.99 12.22
N GLY A 68 1.30 -11.93 11.11
CA GLY A 68 2.57 -12.65 10.98
C GLY A 68 3.63 -12.20 11.96
N ASN A 69 3.77 -10.88 12.08
CA ASN A 69 4.68 -10.25 13.07
C ASN A 69 4.25 -10.59 14.49
N ALA A 70 2.96 -10.49 14.79
CA ALA A 70 2.51 -10.80 16.16
C ALA A 70 2.67 -12.26 16.54
N ASN A 71 2.70 -13.18 15.57
CA ASN A 71 2.74 -14.62 15.91
C ASN A 71 4.00 -15.35 15.47
N ASN A 72 5.02 -14.60 15.08
CA ASN A 72 6.23 -15.19 14.53
C ASN A 72 5.97 -16.23 13.43
N ALA A 73 5.15 -15.85 12.47
CA ALA A 73 4.79 -16.73 11.35
C ALA A 73 5.01 -15.95 10.07
N ALA A 74 5.82 -16.54 9.18
CA ALA A 74 6.07 -15.95 7.86
C ALA A 74 4.78 -15.91 7.06
N SER A 75 4.51 -14.76 6.44
CA SER A 75 3.37 -14.63 5.51
C SER A 75 3.75 -14.35 4.05
N PHE A 76 2.98 -14.94 3.14
CA PHE A 76 3.18 -14.83 1.71
C PHE A 76 1.84 -14.59 1.08
N GLN A 77 1.83 -13.94 -0.07
CA GLN A 77 0.67 -13.86 -0.93
C GLN A 77 0.90 -14.78 -2.11
N LEU A 78 -0.12 -15.51 -2.50
CA LEU A 78 0.03 -16.44 -3.62
C LEU A 78 -0.93 -15.96 -4.68
N GLN A 79 -0.40 -15.75 -5.87
CA GLN A 79 -1.25 -15.50 -7.05
C GLN A 79 -1.48 -16.87 -7.70
N TYR A 80 -2.74 -17.26 -7.83
CA TYR A 80 -3.02 -18.66 -8.20
C TYR A 80 -4.18 -18.69 -9.17
N ARG A 81 -4.30 -19.78 -9.90
CA ARG A 81 -5.39 -19.97 -10.78
C ARG A 81 -6.69 -20.52 -10.12
N THR A 82 -7.79 -19.95 -10.49
CA THR A 82 -9.06 -20.44 -10.05
C THR A 82 -10.10 -20.30 -11.17
N THR A 83 -11.36 -20.33 -10.84
CA THR A 83 -12.45 -20.35 -11.80
C THR A 83 -13.57 -19.44 -11.38
N ASN A 84 -14.03 -18.63 -12.33
CA ASN A 84 -15.14 -17.74 -12.02
C ASN A 84 -16.52 -18.36 -12.27
N THR A 85 -17.59 -17.56 -12.03
CA THR A 85 -18.96 -18.03 -12.11
C THR A 85 -19.27 -18.51 -13.56
N GLN A 86 -18.69 -17.85 -14.59
CA GLN A 86 -18.95 -18.23 -15.97
C GLN A 86 -18.07 -19.41 -16.39
N ASN A 87 -17.53 -20.07 -15.36
CA ASN A 87 -16.62 -21.19 -15.56
C ASN A 87 -15.36 -20.83 -16.38
N GLU A 88 -14.88 -19.59 -16.21
CA GLU A 88 -13.67 -19.18 -16.90
C GLU A 88 -12.48 -19.23 -15.97
N ALA A 89 -11.32 -19.65 -16.48
CA ALA A 89 -10.08 -19.66 -15.67
C ALA A 89 -9.69 -18.22 -15.42
N VAL A 90 -9.43 -17.86 -14.16
CA VAL A 90 -9.05 -16.53 -13.72
C VAL A 90 -7.91 -16.71 -12.70
N ALA A 91 -7.15 -15.65 -12.43
CA ALA A 91 -6.28 -15.65 -11.25
C ALA A 91 -6.98 -15.03 -10.02
N ASP A 92 -6.40 -15.26 -8.87
CA ASP A 92 -6.84 -14.62 -7.65
C ASP A 92 -5.62 -14.61 -6.74
N VAL A 93 -5.78 -13.97 -5.57
CA VAL A 93 -4.76 -13.84 -4.54
C VAL A 93 -5.25 -14.41 -3.23
N ALA A 94 -4.33 -15.05 -2.50
CA ALA A 94 -4.57 -15.59 -1.17
C ALA A 94 -3.38 -15.22 -0.31
N THR A 95 -3.58 -15.19 1.02
CA THR A 95 -2.55 -14.90 2.00
C THR A 95 -2.41 -16.15 2.83
N VAL A 96 -1.16 -16.56 3.06
CA VAL A 96 -0.85 -17.73 3.84
C VAL A 96 0.13 -17.39 4.96
N TRP A 97 -0.03 -18.04 6.12
CA TRP A 97 0.90 -17.92 7.23
C TRP A 97 1.45 -19.30 7.60
N ILE A 98 2.76 -19.36 7.82
CA ILE A 98 3.44 -20.60 8.07
C ILE A 98 3.76 -20.59 9.54
N PRO A 99 3.20 -21.54 10.30
CA PRO A 99 3.47 -21.53 11.76
C PRO A 99 4.97 -21.74 12.06
N ALA A 100 5.50 -21.11 13.10
CA ALA A 100 6.88 -21.40 13.58
C ALA A 100 7.06 -22.86 13.99
N LYS A 101 6.12 -23.41 14.76
CA LYS A 101 6.12 -24.85 15.07
C LYS A 101 4.90 -25.56 14.47
N PRO A 102 4.99 -26.03 13.21
CA PRO A 102 3.80 -26.68 12.61
C PRO A 102 3.39 -27.89 13.40
N ALA A 103 2.09 -28.04 13.66
CA ALA A 103 1.52 -29.31 14.13
C ALA A 103 1.84 -30.35 13.06
N SER A 104 1.91 -31.61 13.48
CA SER A 104 1.98 -32.69 12.48
C SER A 104 1.17 -33.96 12.82
N PRO A 105 0.67 -34.65 11.77
CA PRO A 105 0.76 -34.29 10.37
C PRO A 105 0.13 -32.90 10.07
N PRO A 106 0.47 -32.28 8.91
CA PRO A 106 0.06 -30.91 8.62
C PRO A 106 -1.47 -30.72 8.58
N LYS A 107 -1.91 -29.63 9.20
CA LYS A 107 -3.33 -29.30 9.31
C LYS A 107 -3.48 -27.86 8.78
N ILE A 108 -4.54 -27.62 8.01
CA ILE A 108 -4.78 -26.37 7.34
C ILE A 108 -6.10 -25.78 7.78
N PHE A 109 -6.05 -24.50 8.10
CA PHE A 109 -7.18 -23.74 8.63
C PHE A 109 -7.48 -22.63 7.61
N SER A 110 -8.66 -22.62 7.05
CA SER A 110 -9.06 -21.58 6.03
C SER A 110 -10.01 -20.60 6.73
N TYR A 111 -9.59 -19.35 6.79
CA TYR A 111 -10.39 -18.33 7.44
C TYR A 111 -10.95 -17.42 6.40
N GLN A 112 -12.26 -17.28 6.45
CA GLN A 112 -13.01 -16.42 5.51
C GLN A 112 -13.41 -15.14 6.23
N VAL A 113 -12.89 -13.98 5.73
CA VAL A 113 -13.19 -12.61 6.19
C VAL A 113 -14.53 -12.05 5.67
N TYR A 114 -15.26 -11.28 6.50
CA TYR A 114 -16.41 -10.49 6.01
C TYR A 114 -15.96 -9.20 5.27
N GLU A 115 -15.50 -9.36 4.03
CA GLU A 115 -15.09 -8.23 3.19
C GLU A 115 -16.27 -7.26 2.94
N ASP A 116 -17.40 -7.81 2.49
CA ASP A 116 -18.66 -7.04 2.34
C ASP A 116 -18.53 -5.71 1.56
N ALA A 117 -17.89 -5.79 0.39
CA ALA A 117 -17.66 -4.58 -0.41
C ALA A 117 -17.49 -5.02 -1.82
N THR A 118 -17.69 -4.12 -2.77
CA THR A 118 -17.44 -4.38 -4.19
C THR A 118 -16.41 -3.43 -4.82
N ALA A 119 -15.31 -3.17 -4.11
CA ALA A 119 -14.17 -2.49 -4.70
C ALA A 119 -12.92 -3.41 -4.55
N LEU A 120 -11.99 -3.34 -5.50
CA LEU A 120 -10.85 -4.25 -5.47
C LEU A 120 -9.97 -4.05 -4.20
N ASP A 121 -9.68 -2.81 -3.83
CA ASP A 121 -8.79 -2.53 -2.69
C ASP A 121 -9.42 -2.78 -1.29
N CYS A 122 -10.64 -3.34 -1.28
CA CYS A 122 -11.20 -3.88 -0.03
C CYS A 122 -10.74 -5.30 0.28
N ALA A 123 -9.93 -5.87 -0.63
CA ALA A 123 -9.48 -7.27 -0.55
C ALA A 123 -8.86 -7.64 0.78
N PRO A 124 -9.19 -8.84 1.27
CA PRO A 124 -8.54 -9.33 2.49
C PRO A 124 -6.98 -9.30 2.44
N SER A 125 -6.37 -9.75 1.36
CA SER A 125 -4.89 -9.73 1.24
C SER A 125 -4.25 -8.37 1.57
N TYR A 126 -4.80 -7.32 0.98
CA TYR A 126 -4.39 -5.93 1.19
C TYR A 126 -4.61 -5.42 2.62
N SER A 127 -5.74 -5.84 3.23
CA SER A 127 -6.14 -5.45 4.58
C SER A 127 -5.26 -6.07 5.66
N TYR A 128 -4.75 -7.26 5.37
CA TYR A 128 -3.82 -8.00 6.26
C TYR A 128 -2.39 -7.44 6.41
N LEU A 129 -1.91 -6.75 5.39
CA LEU A 129 -0.55 -6.15 5.38
C LEU A 129 -0.33 -5.22 6.54
N THR A 130 0.92 -5.14 7.02
CA THR A 130 1.29 -4.02 7.88
C THR A 130 1.02 -2.69 7.15
N GLY A 131 0.46 -1.73 7.87
CA GLY A 131 0.02 -0.52 7.21
C GLY A 131 -1.21 -0.01 7.89
N LEU A 132 -1.51 1.27 7.73
CA LEU A 132 -2.73 1.77 8.38
C LEU A 132 -3.74 2.44 7.47
N ASP A 133 -3.40 2.56 6.19
CA ASP A 133 -4.29 3.34 5.30
C ASP A 133 -5.22 2.45 4.46
N GLN A 134 -5.15 1.13 4.59
CA GLN A 134 -6.03 0.30 3.74
C GLN A 134 -7.49 0.60 4.14
N PRO A 135 -8.36 0.81 3.14
CA PRO A 135 -9.70 1.20 3.49
C PRO A 135 -10.52 0.12 4.26
N ASN A 136 -10.25 -1.17 4.08
CA ASN A 136 -11.02 -2.24 4.76
C ASN A 136 -10.20 -2.89 5.86
N LYS A 137 -9.22 -2.15 6.34
CA LYS A 137 -8.36 -2.64 7.41
C LYS A 137 -9.13 -3.21 8.61
N VAL A 138 -10.27 -2.60 8.92
CA VAL A 138 -11.09 -2.98 10.08
C VAL A 138 -11.45 -4.49 10.10
N THR A 139 -11.64 -5.06 8.90
CA THR A 139 -12.04 -6.45 8.76
C THR A 139 -10.90 -7.44 9.09
N ALA A 140 -9.68 -6.93 9.18
CA ALA A 140 -8.51 -7.73 9.50
C ALA A 140 -8.01 -7.58 10.98
N VAL A 141 -8.67 -6.74 11.75
CA VAL A 141 -8.25 -6.49 13.10
C VAL A 141 -9.36 -6.98 14.05
N LEU A 142 -9.44 -6.66 15.28
CA LEU A 142 -10.63 -7.15 16.03
C LEU A 142 -10.73 -8.71 16.26
N ASP A 143 -11.79 -9.39 15.83
CA ASP A 143 -11.81 -10.86 16.01
C ASP A 143 -10.90 -11.66 15.09
N THR A 144 -10.75 -11.24 13.86
CA THR A 144 -9.84 -11.86 12.88
C THR A 144 -8.44 -12.24 13.40
N PRO A 145 -7.67 -11.30 13.98
CA PRO A 145 -6.36 -11.71 14.51
C PRO A 145 -6.40 -12.66 15.69
N ILE A 146 -7.45 -12.59 16.50
CA ILE A 146 -7.66 -13.62 17.56
C ILE A 146 -7.75 -15.05 17.03
N ILE A 147 -8.55 -15.20 15.97
CA ILE A 147 -8.89 -16.46 15.33
C ILE A 147 -7.70 -17.07 14.57
N ILE A 148 -7.04 -16.23 13.77
CA ILE A 148 -5.90 -16.65 12.97
C ILE A 148 -4.69 -16.86 13.92
N GLY A 149 -4.48 -15.90 14.84
CA GLY A 149 -3.49 -16.09 15.92
C GLY A 149 -3.66 -17.40 16.66
N TRP A 150 -4.87 -17.68 17.12
CA TRP A 150 -5.16 -18.97 17.76
C TRP A 150 -4.79 -20.18 16.92
N ALA A 151 -5.19 -20.18 15.65
CA ALA A 151 -4.91 -21.28 14.71
C ALA A 151 -3.40 -21.52 14.49
N LEU A 152 -2.65 -20.42 14.38
CA LEU A 152 -1.18 -20.45 14.37
C LEU A 152 -0.59 -20.96 15.67
N GLN A 153 -1.12 -20.63 16.81
CA GLN A 153 -0.62 -21.16 18.07
C GLN A 153 -0.91 -22.66 18.23
N GLN A 154 -1.94 -23.19 17.51
CA GLN A 154 -2.19 -24.64 17.52
C GLN A 154 -1.20 -25.33 16.59
N GLY A 155 -0.46 -24.56 15.81
CA GLY A 155 0.42 -25.14 14.78
C GLY A 155 -0.20 -25.39 13.44
N TYR A 156 -1.34 -24.75 13.16
CA TYR A 156 -1.99 -24.97 11.85
C TYR A 156 -1.39 -23.98 10.81
N TYR A 157 -1.27 -24.42 9.56
CA TYR A 157 -1.07 -23.56 8.40
C TYR A 157 -2.39 -22.76 8.19
N VAL A 158 -2.27 -21.45 7.92
CA VAL A 158 -3.47 -20.66 7.72
C VAL A 158 -3.50 -20.10 6.30
N VAL A 159 -4.66 -20.23 5.65
CA VAL A 159 -4.88 -19.57 4.39
C VAL A 159 -6.13 -18.69 4.51
N SER A 160 -6.09 -17.49 3.92
CA SER A 160 -7.28 -16.67 3.83
C SER A 160 -7.26 -16.13 2.39
N SER A 161 -8.19 -16.60 1.56
CA SER A 161 -8.26 -16.21 0.15
C SER A 161 -9.02 -14.90 -0.03
N ASP A 162 -8.79 -14.21 -1.17
CA ASP A 162 -9.61 -13.06 -1.52
C ASP A 162 -10.83 -13.68 -2.22
N HIS A 163 -11.78 -14.14 -1.44
CA HIS A 163 -12.93 -14.91 -2.01
C HIS A 163 -13.80 -14.15 -3.00
N GLU A 164 -13.80 -12.82 -2.98
CA GLU A 164 -14.64 -12.12 -3.98
C GLU A 164 -13.99 -12.11 -5.35
N GLY A 165 -12.72 -12.50 -5.40
CA GLY A 165 -11.95 -12.44 -6.62
C GLY A 165 -11.67 -11.01 -7.10
N PHE A 166 -11.01 -10.90 -8.25
CA PHE A 166 -10.57 -9.63 -8.85
C PHE A 166 -11.73 -8.69 -9.30
N LYS A 167 -12.96 -9.16 -9.41
CA LYS A 167 -14.09 -8.28 -9.72
C LYS A 167 -14.76 -7.78 -8.46
N ALA A 168 -14.28 -8.20 -7.29
CA ALA A 168 -14.92 -7.91 -6.00
C ALA A 168 -16.42 -8.25 -6.05
N ALA A 169 -16.72 -9.50 -6.43
CA ALA A 169 -18.10 -9.96 -6.61
C ALA A 169 -18.70 -10.46 -5.29
N PHE A 170 -18.88 -9.53 -4.35
CA PHE A 170 -19.46 -9.81 -3.06
C PHE A 170 -20.74 -10.61 -3.20
N ILE A 171 -20.77 -11.78 -2.55
CA ILE A 171 -21.98 -12.59 -2.34
C ILE A 171 -22.27 -13.50 -3.52
N ALA A 172 -21.36 -13.52 -4.51
CA ALA A 172 -21.43 -14.48 -5.58
C ALA A 172 -20.88 -15.81 -5.03
N GLY A 173 -21.78 -16.70 -4.61
CA GLY A 173 -21.40 -17.98 -4.01
C GLY A 173 -20.50 -18.97 -4.77
N TYR A 174 -20.74 -19.15 -6.06
CA TYR A 174 -19.87 -20.00 -6.89
C TYR A 174 -18.51 -19.32 -7.00
N GLU A 175 -18.49 -18.03 -7.31
CA GLU A 175 -17.24 -17.28 -7.23
C GLU A 175 -16.41 -17.54 -5.94
N GLU A 176 -17.07 -17.41 -4.79
CA GLU A 176 -16.41 -17.46 -3.50
C GLU A 176 -15.97 -18.87 -3.19
N GLY A 177 -16.86 -19.82 -3.47
CA GLY A 177 -16.59 -21.21 -3.13
C GLY A 177 -15.37 -21.75 -3.83
N MET A 178 -15.32 -21.55 -5.16
CA MET A 178 -14.21 -21.97 -6.01
C MET A 178 -12.91 -21.26 -5.61
N ALA A 179 -12.92 -19.93 -5.46
CA ALA A 179 -11.72 -19.18 -5.05
C ALA A 179 -11.09 -19.71 -3.75
N ILE A 180 -11.94 -20.09 -2.81
CA ILE A 180 -11.52 -20.55 -1.48
C ILE A 180 -10.89 -21.94 -1.53
N LEU A 181 -11.60 -22.86 -2.18
CA LEU A 181 -11.11 -24.24 -2.35
C LEU A 181 -9.79 -24.23 -3.10
N ASP A 182 -9.70 -23.38 -4.12
CA ASP A 182 -8.48 -23.22 -4.89
C ASP A 182 -7.34 -22.53 -4.11
N GLY A 183 -7.67 -21.57 -3.26
CA GLY A 183 -6.65 -21.06 -2.27
C GLY A 183 -6.04 -22.11 -1.36
N ILE A 184 -6.87 -23.05 -0.88
CA ILE A 184 -6.41 -24.17 -0.03
C ILE A 184 -5.47 -25.05 -0.84
N ARG A 185 -5.88 -25.40 -2.05
CA ARG A 185 -5.06 -26.09 -3.04
C ARG A 185 -3.67 -25.43 -3.23
N ALA A 186 -3.67 -24.09 -3.39
CA ALA A 186 -2.48 -23.32 -3.58
C ALA A 186 -1.53 -23.37 -2.38
N LEU A 187 -2.05 -23.21 -1.16
CA LEU A 187 -1.24 -23.42 0.02
C LEU A 187 -0.57 -24.85 0.03
N LYS A 188 -1.34 -25.89 -0.30
CA LYS A 188 -0.78 -27.26 -0.33
C LYS A 188 0.32 -27.41 -1.39
N ASN A 189 0.13 -26.77 -2.54
CA ASN A 189 1.14 -26.73 -3.61
C ASN A 189 2.34 -25.92 -3.13
N TYR A 190 2.08 -24.71 -2.67
CA TYR A 190 3.15 -23.80 -2.26
C TYR A 190 4.06 -24.43 -1.19
N GLN A 191 3.47 -25.11 -0.21
CA GLN A 191 4.21 -25.65 0.91
C GLN A 191 4.51 -27.16 0.80
N ASN A 192 4.18 -27.77 -0.33
CA ASN A 192 4.38 -29.21 -0.54
C ASN A 192 3.78 -30.05 0.57
N LEU A 193 2.55 -29.71 0.97
CA LEU A 193 1.87 -30.46 2.01
C LEU A 193 1.30 -31.76 1.42
N PRO A 194 1.17 -32.81 2.26
CA PRO A 194 0.58 -34.06 1.79
C PRO A 194 -0.82 -33.78 1.26
N SER A 195 -1.23 -34.54 0.25
CA SER A 195 -2.57 -34.44 -0.35
C SER A 195 -3.76 -34.63 0.59
N ASP A 196 -3.66 -35.56 1.53
CA ASP A 196 -4.68 -35.76 2.57
C ASP A 196 -4.49 -34.94 3.84
N SER A 197 -3.71 -33.86 3.79
CA SER A 197 -3.61 -32.90 4.91
C SER A 197 -5.04 -32.52 5.37
N LYS A 198 -5.31 -32.66 6.66
CA LYS A 198 -6.61 -32.26 7.21
C LYS A 198 -6.88 -30.77 7.01
N VAL A 199 -8.10 -30.48 6.56
CA VAL A 199 -8.56 -29.09 6.36
C VAL A 199 -9.79 -28.74 7.22
N ALA A 200 -9.77 -27.58 7.87
CA ALA A 200 -11.00 -27.01 8.46
C ALA A 200 -11.24 -25.53 8.01
N LEU A 201 -12.50 -25.11 8.04
CA LEU A 201 -12.90 -23.81 7.50
C LEU A 201 -13.70 -23.05 8.56
N GLU A 202 -13.49 -21.73 8.61
CA GLU A 202 -14.17 -20.90 9.58
C GLU A 202 -14.50 -19.51 9.05
N GLY A 203 -15.68 -19.00 9.41
CA GLY A 203 -16.03 -17.62 9.07
C GLY A 203 -17.30 -17.14 9.72
N TYR A 204 -17.48 -15.82 9.76
CA TYR A 204 -18.69 -15.24 10.32
C TYR A 204 -19.25 -14.23 9.32
N SER A 205 -20.57 -14.06 9.30
CA SER A 205 -21.24 -12.99 8.52
C SER A 205 -21.03 -13.18 7.00
N GLY A 206 -20.55 -12.15 6.27
CA GLY A 206 -20.13 -12.35 4.87
C GLY A 206 -19.09 -13.46 4.70
N GLY A 207 -18.28 -13.69 5.74
CA GLY A 207 -17.29 -14.77 5.69
C GLY A 207 -17.93 -16.13 5.81
N ALA A 208 -19.08 -16.18 6.49
CA ALA A 208 -19.89 -17.41 6.64
C ALA A 208 -20.63 -17.76 5.33
N HIS A 209 -21.04 -16.75 4.55
CA HIS A 209 -21.58 -17.02 3.22
C HIS A 209 -20.48 -17.69 2.34
N ALA A 210 -19.29 -17.10 2.41
CA ALA A 210 -18.14 -17.65 1.68
C ALA A 210 -17.81 -19.11 2.16
N THR A 211 -17.77 -19.29 3.47
CA THR A 211 -17.55 -20.60 4.06
C THR A 211 -18.56 -21.68 3.64
N VAL A 212 -19.86 -21.37 3.77
CA VAL A 212 -20.90 -22.32 3.40
C VAL A 212 -20.86 -22.67 1.92
N TRP A 213 -20.57 -21.69 1.07
CA TRP A 213 -20.38 -21.97 -0.32
C TRP A 213 -19.16 -22.87 -0.64
N ALA A 214 -18.07 -22.74 0.13
CA ALA A 214 -16.87 -23.51 -0.13
C ALA A 214 -17.17 -24.95 0.32
N THR A 215 -17.85 -25.12 1.45
CA THR A 215 -18.29 -26.48 1.86
C THR A 215 -19.24 -27.14 0.85
N SER A 216 -20.10 -26.34 0.21
CA SER A 216 -21.12 -26.88 -0.71
C SER A 216 -20.45 -27.36 -1.98
N LEU A 217 -19.43 -26.64 -2.45
CA LEU A 217 -18.76 -26.98 -3.68
C LEU A 217 -17.64 -27.99 -3.55
N ALA A 218 -17.23 -28.33 -2.31
CA ALA A 218 -16.08 -29.22 -2.08
C ALA A 218 -16.16 -30.56 -2.85
N GLU A 219 -17.28 -31.24 -2.69
CA GLU A 219 -17.60 -32.53 -3.31
C GLU A 219 -17.31 -32.48 -4.82
N SER A 220 -17.98 -31.58 -5.51
CA SER A 220 -17.95 -31.50 -6.98
C SER A 220 -16.72 -30.81 -7.53
N TYR A 221 -16.27 -29.73 -6.87
CA TYR A 221 -15.15 -28.94 -7.38
C TYR A 221 -13.77 -29.31 -6.84
N ALA A 222 -13.67 -29.67 -5.58
CA ALA A 222 -12.40 -30.02 -4.94
C ALA A 222 -12.43 -31.19 -3.96
N PRO A 223 -12.82 -32.38 -4.44
CA PRO A 223 -13.09 -33.54 -3.60
C PRO A 223 -11.86 -34.18 -2.99
N GLU A 224 -10.67 -33.92 -3.50
CA GLU A 224 -9.45 -34.40 -2.83
C GLU A 224 -9.12 -33.66 -1.52
N LEU A 225 -9.74 -32.49 -1.27
CA LEU A 225 -9.45 -31.78 0.00
C LEU A 225 -10.06 -32.53 1.16
N ASN A 226 -9.22 -33.02 2.07
CA ASN A 226 -9.64 -33.81 3.25
C ASN A 226 -10.26 -32.93 4.36
N ILE A 227 -11.42 -32.34 4.08
CA ILE A 227 -12.12 -31.44 5.03
C ILE A 227 -12.71 -32.24 6.21
N VAL A 228 -12.21 -31.97 7.42
CA VAL A 228 -12.63 -32.69 8.62
C VAL A 228 -13.60 -31.84 9.46
N GLY A 229 -13.79 -30.56 9.10
CA GLY A 229 -14.67 -29.70 9.87
C GLY A 229 -14.90 -28.32 9.29
N ALA A 230 -16.03 -27.71 9.68
CA ALA A 230 -16.27 -26.36 9.26
C ALA A 230 -17.19 -25.70 10.28
N SER A 231 -17.01 -24.39 10.42
CA SER A 231 -17.61 -23.63 11.53
C SER A 231 -17.91 -22.24 11.02
N HIS A 232 -19.18 -21.86 11.08
CA HIS A 232 -19.61 -20.58 10.61
C HIS A 232 -20.89 -20.14 11.28
N GLY A 233 -21.01 -18.82 11.37
CA GLY A 233 -22.10 -18.16 12.10
C GLY A 233 -22.62 -16.94 11.38
N GLY A 234 -23.84 -16.54 11.73
CA GLY A 234 -24.42 -15.35 11.14
C GLY A 234 -24.51 -15.54 9.64
N THR A 235 -24.84 -16.77 9.18
CA THR A 235 -24.73 -17.17 7.75
C THR A 235 -25.85 -16.65 6.82
N PRO A 236 -25.50 -15.79 5.83
CA PRO A 236 -26.44 -15.52 4.71
C PRO A 236 -26.48 -16.76 3.78
N VAL A 237 -27.60 -17.50 3.74
CA VAL A 237 -27.70 -18.75 2.94
C VAL A 237 -28.48 -18.49 1.64
N SER A 238 -29.32 -17.46 1.62
CA SER A 238 -30.15 -17.15 0.46
C SER A 238 -29.88 -15.73 0.11
N ALA A 239 -29.39 -15.49 -1.10
CA ALA A 239 -29.15 -14.10 -1.50
C ALA A 239 -30.45 -13.25 -1.49
N LYS A 240 -31.49 -13.81 -2.12
CA LYS A 240 -32.83 -13.16 -2.16
C LYS A 240 -33.36 -12.86 -0.74
N ASP A 241 -33.32 -13.83 0.14
CA ASP A 241 -33.82 -13.59 1.51
C ASP A 241 -33.03 -12.54 2.30
N THR A 242 -31.72 -12.52 2.10
CA THR A 242 -30.90 -11.57 2.81
C THR A 242 -31.19 -10.19 2.23
N PHE A 243 -31.32 -10.09 0.91
CA PHE A 243 -31.80 -8.87 0.26
C PHE A 243 -33.12 -8.29 0.83
N THR A 244 -34.17 -9.11 0.81
CA THR A 244 -35.49 -8.62 1.30
C THR A 244 -35.44 -8.22 2.77
N PHE A 245 -34.57 -8.85 3.55
CA PHE A 245 -34.47 -8.55 5.02
C PHE A 245 -33.81 -7.17 5.21
N LEU A 246 -32.84 -6.86 4.35
CA LEU A 246 -31.95 -5.68 4.49
C LEU A 246 -32.47 -4.42 3.81
N ASN A 247 -33.16 -4.58 2.68
CA ASN A 247 -33.55 -3.40 1.84
C ASN A 247 -34.37 -2.37 2.64
N GLY A 248 -34.08 -1.07 2.50
CA GLY A 248 -34.84 -0.04 3.23
C GLY A 248 -34.50 0.17 4.71
N GLY A 249 -33.67 -0.72 5.27
CA GLY A 249 -33.27 -0.61 6.67
C GLY A 249 -31.94 0.08 6.87
N PRO A 250 -31.42 0.07 8.11
CA PRO A 250 -30.18 0.71 8.53
C PRO A 250 -28.95 0.15 7.83
N PHE A 251 -29.01 -1.11 7.39
CA PHE A 251 -27.89 -1.74 6.70
C PHE A 251 -28.22 -2.07 5.27
N ALA A 252 -29.15 -1.31 4.68
CA ALA A 252 -29.45 -1.42 3.25
C ALA A 252 -28.26 -1.27 2.30
N GLY A 253 -27.17 -0.68 2.75
CA GLY A 253 -25.94 -0.67 1.92
C GLY A 253 -25.45 -2.06 1.56
N PHE A 254 -25.65 -3.00 2.48
CA PHE A 254 -25.37 -4.42 2.19
C PHE A 254 -26.25 -5.05 1.12
N ALA A 255 -27.55 -4.65 1.04
CA ALA A 255 -28.42 -5.03 -0.05
C ALA A 255 -27.87 -4.54 -1.39
N LEU A 256 -27.57 -3.23 -1.46
CA LEU A 256 -26.97 -2.68 -2.67
C LEU A 256 -25.62 -3.34 -3.02
N ALA A 257 -24.82 -3.66 -1.99
CA ALA A 257 -23.51 -4.31 -2.23
C ALA A 257 -23.74 -5.69 -2.90
N GLY A 258 -24.69 -6.47 -2.36
CA GLY A 258 -25.10 -7.75 -2.98
C GLY A 258 -25.58 -7.66 -4.41
N VAL A 259 -26.42 -6.66 -4.72
CA VAL A 259 -26.81 -6.43 -6.11
C VAL A 259 -25.56 -6.21 -6.99
N SER A 260 -24.70 -5.25 -6.58
CA SER A 260 -23.44 -4.94 -7.26
C SER A 260 -22.56 -6.19 -7.44
N GLY A 261 -22.30 -6.90 -6.34
CA GLY A 261 -21.46 -8.12 -6.30
C GLY A 261 -22.00 -9.22 -7.17
N LEU A 262 -23.29 -9.52 -7.04
CA LEU A 262 -23.92 -10.46 -8.00
C LEU A 262 -23.84 -10.04 -9.46
N SER A 263 -24.11 -8.76 -9.79
CA SER A 263 -23.95 -8.33 -11.20
C SER A 263 -22.51 -8.46 -11.70
N LEU A 264 -21.53 -8.38 -10.80
CA LEU A 264 -20.13 -8.52 -11.20
C LEU A 264 -19.72 -9.99 -11.49
N ALA A 265 -20.57 -10.93 -11.09
CA ALA A 265 -20.34 -12.34 -11.35
C ALA A 265 -21.25 -12.89 -12.47
N HIS A 266 -22.32 -12.16 -12.80
CA HIS A 266 -23.32 -12.58 -13.83
C HIS A 266 -23.52 -11.52 -14.89
N PRO A 267 -22.80 -11.61 -16.05
CA PRO A 267 -22.90 -10.51 -17.05
C PRO A 267 -24.32 -10.16 -17.64
N ASP A 268 -25.08 -11.07 -17.92
CA ASP A 268 -26.49 -10.83 -18.31
C ASP A 268 -27.32 -10.21 -17.18
N MET A 269 -27.21 -10.40 -15.94
CA MET A 269 -27.82 -9.62 -14.86
C MET A 269 -27.28 -8.19 -14.85
N GLU A 270 -25.96 -8.05 -15.01
CA GLU A 270 -25.33 -6.73 -15.19
C GLU A 270 -25.94 -5.89 -16.34
N SER A 271 -26.10 -6.47 -17.53
CA SER A 271 -26.72 -5.74 -18.70
C SER A 271 -28.14 -5.37 -18.40
N PHE A 272 -28.87 -6.34 -17.86
CA PHE A 272 -30.26 -6.13 -17.57
C PHE A 272 -30.45 -4.96 -16.62
N ILE A 273 -29.73 -5.00 -15.51
CA ILE A 273 -29.71 -3.90 -14.53
C ILE A 273 -29.23 -2.55 -15.10
N GLU A 274 -28.11 -2.57 -15.84
N GLU A 274 -28.13 -2.56 -15.85
CA GLU A 274 -27.59 -1.33 -16.48
CA GLU A 274 -27.61 -1.31 -16.45
C GLU A 274 -28.68 -0.62 -17.29
C GLU A 274 -28.64 -0.61 -17.34
N ALA A 275 -29.41 -1.39 -18.08
CA ALA A 275 -30.48 -0.87 -18.91
C ALA A 275 -31.62 -0.20 -18.09
N ARG A 276 -31.69 -0.49 -16.80
CA ARG A 276 -32.83 -0.03 -15.98
C ARG A 276 -32.51 0.99 -14.89
N LEU A 277 -31.22 1.25 -14.68
CA LEU A 277 -30.77 2.27 -13.76
C LEU A 277 -31.20 3.66 -14.21
N ASN A 278 -31.88 4.39 -13.34
CA ASN A 278 -32.10 5.82 -13.60
C ASN A 278 -30.81 6.63 -13.31
N ALA A 279 -30.82 7.94 -13.44
CA ALA A 279 -29.57 8.70 -13.25
C ALA A 279 -28.96 8.52 -11.85
N LYS A 280 -29.80 8.53 -10.82
CA LYS A 280 -29.41 8.22 -9.42
C LYS A 280 -28.75 6.85 -9.28
N GLY A 281 -29.42 5.81 -9.80
CA GLY A 281 -28.91 4.44 -9.82
C GLY A 281 -27.53 4.35 -10.46
N GLN A 282 -27.35 5.09 -11.55
CA GLN A 282 -26.06 5.16 -12.24
C GLN A 282 -25.00 5.81 -11.38
N ARG A 283 -25.30 6.92 -10.71
CA ARG A 283 -24.34 7.49 -9.83
C ARG A 283 -24.02 6.54 -8.66
N THR A 284 -25.04 5.90 -8.11
CA THR A 284 -24.88 5.03 -6.93
C THR A 284 -24.09 3.69 -7.20
N LEU A 285 -24.39 3.00 -8.28
CA LEU A 285 -23.66 1.79 -8.63
C LEU A 285 -22.15 2.07 -8.83
N LYS A 286 -21.86 3.16 -9.58
CA LYS A 286 -20.47 3.59 -9.77
C LYS A 286 -19.80 3.88 -8.44
N GLN A 287 -20.52 4.58 -7.55
CA GLN A 287 -20.00 4.92 -6.23
C GLN A 287 -19.57 3.68 -5.42
N ILE A 288 -20.41 2.63 -5.39
CA ILE A 288 -20.16 1.49 -4.48
C ILE A 288 -19.10 0.57 -5.09
N ARG A 289 -18.83 0.79 -6.37
CA ARG A 289 -17.70 0.17 -7.03
C ARG A 289 -16.43 1.02 -7.10
N GLY A 290 -16.43 2.17 -6.44
CA GLY A 290 -15.33 3.10 -6.57
C GLY A 290 -14.19 2.68 -5.66
N ARG A 291 -12.96 2.75 -6.17
CA ARG A 291 -11.75 2.52 -5.38
C ARG A 291 -11.86 3.16 -3.97
N GLY A 292 -11.55 2.38 -2.94
CA GLY A 292 -11.60 2.91 -1.56
C GLY A 292 -12.97 2.92 -0.89
N PHE A 293 -14.00 2.50 -1.63
CA PHE A 293 -15.36 2.35 -1.04
C PHE A 293 -15.54 0.93 -0.54
N CYS A 294 -15.25 0.77 0.73
CA CYS A 294 -15.27 -0.48 1.45
C CYS A 294 -16.41 -0.60 2.52
N LEU A 295 -16.37 -1.57 3.38
CA LEU A 295 -17.43 -1.88 4.33
C LEU A 295 -17.84 -0.65 5.16
N PRO A 296 -16.86 0.10 5.75
CA PRO A 296 -17.28 1.29 6.51
C PRO A 296 -18.11 2.28 5.70
N GLN A 297 -17.76 2.49 4.44
CA GLN A 297 -18.50 3.42 3.60
C GLN A 297 -19.83 2.80 3.19
N VAL A 298 -19.84 1.50 2.92
CA VAL A 298 -21.10 0.82 2.67
C VAL A 298 -22.10 1.07 3.82
N VAL A 299 -21.68 0.80 5.07
CA VAL A 299 -22.49 1.04 6.30
C VAL A 299 -22.96 2.49 6.42
N LEU A 300 -22.03 3.48 6.31
CA LEU A 300 -22.35 4.90 6.51
C LEU A 300 -23.09 5.63 5.41
N THR A 301 -22.95 5.21 4.16
CA THR A 301 -23.49 5.97 3.06
C THR A 301 -24.95 5.65 2.77
N TYR A 302 -25.38 4.42 3.06
CA TYR A 302 -26.68 3.97 2.57
C TYR A 302 -27.78 3.57 3.56
N PRO A 303 -27.77 4.08 4.81
CA PRO A 303 -28.89 3.67 5.66
C PRO A 303 -30.20 4.13 5.04
N PHE A 304 -31.18 3.22 5.11
CA PHE A 304 -32.56 3.46 4.68
C PHE A 304 -32.73 3.59 3.18
N LEU A 305 -31.72 3.24 2.40
CA LEU A 305 -31.88 3.24 0.95
C LEU A 305 -32.82 2.10 0.55
N ASN A 306 -33.74 2.40 -0.37
CA ASN A 306 -34.56 1.41 -1.03
C ASN A 306 -33.95 1.19 -2.39
N VAL A 307 -33.36 0.01 -2.63
CA VAL A 307 -32.57 -0.20 -3.84
C VAL A 307 -33.44 -0.04 -5.10
N PHE A 308 -34.75 -0.28 -4.93
CA PHE A 308 -35.73 -0.09 -5.99
C PHE A 308 -35.83 1.37 -6.45
N SER A 309 -35.43 2.32 -5.59
CA SER A 309 -35.37 3.74 -5.98
C SER A 309 -34.32 4.01 -7.07
N LEU A 310 -33.44 3.05 -7.30
CA LEU A 310 -32.33 3.19 -8.26
C LEU A 310 -32.71 2.79 -9.67
N VAL A 311 -33.84 2.10 -9.80
CA VAL A 311 -34.29 1.59 -11.10
C VAL A 311 -35.67 2.12 -11.50
N ASN A 312 -36.10 1.81 -12.71
CA ASN A 312 -37.40 2.25 -13.20
C ASN A 312 -38.34 1.02 -13.33
N ASP A 313 -38.06 -0.01 -12.51
CA ASP A 313 -38.72 -1.30 -12.58
C ASP A 313 -38.75 -1.91 -11.19
N THR A 314 -39.90 -1.81 -10.56
CA THR A 314 -40.08 -2.35 -9.22
C THR A 314 -40.15 -3.89 -9.18
N ASN A 315 -40.45 -4.52 -10.33
CA ASN A 315 -40.64 -5.99 -10.43
C ASN A 315 -39.37 -6.76 -10.83
N LEU A 316 -38.21 -6.17 -10.52
CA LEU A 316 -36.93 -6.68 -10.99
C LEU A 316 -36.67 -8.09 -10.42
N LEU A 317 -37.00 -8.29 -9.16
CA LEU A 317 -36.84 -9.59 -8.50
C LEU A 317 -37.53 -10.72 -9.27
N ASN A 318 -38.55 -10.37 -10.05
CA ASN A 318 -39.37 -11.39 -10.66
C ASN A 318 -39.09 -11.66 -12.15
N GLU A 319 -38.24 -10.83 -12.73
CA GLU A 319 -37.89 -10.95 -14.11
C GLU A 319 -36.64 -11.79 -14.35
N ALA A 320 -36.47 -12.25 -15.58
CA ALA A 320 -35.22 -12.84 -16.08
C ALA A 320 -34.22 -11.74 -16.55
N PRO A 321 -32.90 -11.97 -16.33
CA PRO A 321 -32.32 -13.19 -15.81
C PRO A 321 -32.19 -13.23 -14.27
N ILE A 322 -32.71 -12.22 -13.57
CA ILE A 322 -32.54 -12.12 -12.12
C ILE A 322 -33.17 -13.28 -11.32
N ALA A 323 -34.46 -13.52 -11.54
CA ALA A 323 -35.20 -14.52 -10.77
C ALA A 323 -34.48 -15.86 -10.78
N SER A 324 -34.02 -16.26 -11.94
CA SER A 324 -33.35 -17.55 -12.08
C SER A 324 -31.93 -17.55 -11.51
N ILE A 325 -31.25 -16.39 -11.54
CA ILE A 325 -29.96 -16.26 -10.82
C ILE A 325 -30.19 -16.40 -9.29
N LEU A 326 -31.22 -15.75 -8.77
CA LEU A 326 -31.52 -15.91 -7.34
C LEU A 326 -31.72 -17.39 -6.90
N LYS A 327 -32.25 -18.24 -7.81
CA LYS A 327 -32.47 -19.68 -7.56
C LYS A 327 -31.20 -20.52 -7.61
N GLN A 328 -30.16 -20.01 -8.26
CA GLN A 328 -28.82 -20.61 -8.21
C GLN A 328 -28.00 -20.03 -7.05
N GLU A 329 -28.26 -18.79 -6.67
CA GLU A 329 -27.45 -18.13 -5.63
C GLU A 329 -28.03 -18.34 -4.20
N THR A 330 -28.31 -19.60 -3.92
CA THR A 330 -28.94 -19.99 -2.67
C THR A 330 -28.52 -21.40 -2.33
N VAL A 331 -28.38 -21.71 -1.04
CA VAL A 331 -28.13 -23.11 -0.61
C VAL A 331 -29.35 -23.71 0.13
N VAL A 332 -30.43 -22.94 0.13
CA VAL A 332 -31.70 -23.38 0.70
C VAL A 332 -32.40 -24.14 -0.42
N GLN A 333 -32.54 -25.43 -0.20
CA GLN A 333 -33.02 -26.36 -1.24
C GLN A 333 -34.48 -26.08 -1.66
N ALA A 334 -35.32 -25.64 -0.72
CA ALA A 334 -36.68 -25.26 -1.02
C ALA A 334 -36.72 -24.15 -2.06
N GLU A 335 -35.66 -23.33 -2.09
CA GLU A 335 -35.58 -22.21 -3.03
C GLU A 335 -34.73 -22.55 -4.28
N ALA A 336 -33.79 -23.48 -4.16
CA ALA A 336 -32.80 -23.75 -5.20
C ALA A 336 -33.37 -24.42 -6.45
N SER A 337 -32.89 -23.98 -7.61
CA SER A 337 -33.22 -24.62 -8.88
C SER A 337 -32.22 -25.75 -9.32
N TYR A 338 -31.45 -26.29 -8.36
CA TYR A 338 -30.44 -27.31 -8.59
C TYR A 338 -30.39 -28.08 -7.26
N THR A 339 -29.76 -29.25 -7.28
CA THR A 339 -29.63 -30.11 -6.09
C THR A 339 -28.47 -29.64 -5.26
N VAL A 340 -28.75 -29.15 -4.06
CA VAL A 340 -27.72 -28.56 -3.21
C VAL A 340 -26.92 -29.68 -2.49
N SER A 341 -25.59 -29.59 -2.51
CA SER A 341 -24.74 -30.57 -1.81
C SER A 341 -25.09 -30.64 -0.33
N VAL A 342 -24.81 -31.80 0.29
CA VAL A 342 -24.99 -31.99 1.74
C VAL A 342 -23.65 -32.51 2.31
N PRO A 343 -22.72 -31.60 2.68
CA PRO A 343 -21.46 -32.04 3.31
C PRO A 343 -21.75 -32.90 4.53
N LYS A 344 -20.98 -33.99 4.70
CA LYS A 344 -21.24 -35.04 5.72
C LYS A 344 -20.28 -34.94 6.89
N PHE A 345 -19.14 -34.26 6.69
CA PHE A 345 -18.16 -34.00 7.76
C PHE A 345 -18.78 -33.17 8.94
N PRO A 346 -18.21 -33.28 10.18
CA PRO A 346 -18.78 -32.47 11.27
C PRO A 346 -18.83 -30.94 10.99
N ARG A 347 -19.95 -30.31 11.38
CA ARG A 347 -20.10 -28.87 11.22
C ARG A 347 -20.66 -28.24 12.51
N PHE A 348 -20.21 -27.03 12.82
CA PHE A 348 -20.81 -26.20 13.89
C PHE A 348 -21.35 -24.93 13.21
N ILE A 349 -22.61 -24.62 13.45
CA ILE A 349 -23.26 -23.47 12.80
C ILE A 349 -23.98 -22.71 13.88
N TRP A 350 -23.64 -21.41 14.05
CA TRP A 350 -24.33 -20.55 15.06
C TRP A 350 -25.04 -19.33 14.46
N HIS A 351 -25.99 -18.76 15.18
CA HIS A 351 -26.77 -17.60 14.71
C HIS A 351 -27.51 -16.95 15.86
N ALA A 352 -27.55 -15.61 15.98
CA ALA A 352 -28.49 -14.90 16.86
C ALA A 352 -29.93 -15.15 16.30
N ILE A 353 -30.81 -15.74 17.09
CA ILE A 353 -32.21 -15.79 16.72
C ILE A 353 -32.76 -14.37 16.42
N PRO A 354 -32.46 -13.38 17.25
CA PRO A 354 -32.87 -12.01 16.97
C PRO A 354 -31.89 -11.21 16.09
N ASP A 355 -31.18 -11.89 15.22
CA ASP A 355 -30.32 -11.23 14.25
C ASP A 355 -31.05 -10.16 13.45
N GLU A 356 -30.49 -8.98 13.50
CA GLU A 356 -31.02 -7.76 12.92
C GLU A 356 -30.29 -7.36 11.62
N ILE A 357 -29.35 -8.20 11.19
CA ILE A 357 -28.59 -7.94 9.92
C ILE A 357 -28.70 -9.16 8.93
N VAL A 358 -28.53 -10.37 9.43
CA VAL A 358 -28.61 -11.57 8.56
C VAL A 358 -29.77 -12.42 9.09
N PRO A 359 -30.79 -12.70 8.28
CA PRO A 359 -31.96 -13.27 8.92
C PRO A 359 -31.73 -14.71 9.44
N TYR A 360 -32.22 -14.96 10.65
CA TYR A 360 -32.13 -16.26 11.31
C TYR A 360 -32.88 -17.44 10.59
N GLN A 361 -34.14 -17.32 10.23
CA GLN A 361 -34.96 -18.44 9.71
C GLN A 361 -34.46 -19.16 8.46
N PRO A 362 -33.97 -18.38 7.46
CA PRO A 362 -33.34 -19.06 6.32
C PRO A 362 -32.20 -20.02 6.73
N ALA A 363 -31.39 -19.60 7.69
CA ALA A 363 -30.30 -20.45 8.19
C ALA A 363 -30.82 -21.66 8.98
N ALA A 364 -31.82 -21.43 9.83
CA ALA A 364 -32.50 -22.53 10.50
C ALA A 364 -33.10 -23.53 9.48
N THR A 365 -33.69 -23.02 8.39
CA THR A 365 -34.20 -23.82 7.25
C THR A 365 -33.10 -24.65 6.56
N TYR A 366 -31.96 -24.01 6.27
CA TYR A 366 -30.81 -24.73 5.75
C TYR A 366 -30.37 -25.86 6.70
N VAL A 367 -30.24 -25.58 8.01
CA VAL A 367 -29.82 -26.65 8.94
C VAL A 367 -30.85 -27.82 8.95
N LYS A 368 -32.14 -27.48 9.02
CA LYS A 368 -33.17 -28.51 9.06
C LYS A 368 -33.15 -29.45 7.81
N GLU A 369 -33.00 -28.85 6.63
CA GLU A 369 -32.92 -29.55 5.38
C GLU A 369 -31.68 -30.47 5.35
N GLN A 370 -30.53 -29.93 5.74
CA GLN A 370 -29.28 -30.66 5.64
C GLN A 370 -29.32 -31.85 6.61
N CYS A 371 -29.76 -31.58 7.82
CA CYS A 371 -30.01 -32.62 8.78
C CYS A 371 -30.94 -33.78 8.32
N ALA A 372 -31.94 -33.48 7.48
CA ALA A 372 -32.86 -34.50 6.96
C ALA A 372 -32.23 -35.31 5.82
N LYS A 373 -31.08 -34.86 5.32
CA LYS A 373 -30.33 -35.66 4.36
C LYS A 373 -29.02 -36.25 4.89
N GLY A 374 -28.85 -36.36 6.20
CA GLY A 374 -27.69 -37.08 6.75
C GLY A 374 -26.48 -36.23 7.18
N ALA A 375 -26.65 -34.91 7.24
CA ALA A 375 -25.58 -34.02 7.70
C ALA A 375 -25.25 -34.25 9.16
N ASN A 376 -24.12 -33.70 9.60
CA ASN A 376 -23.67 -33.77 10.98
C ASN A 376 -23.41 -32.36 11.50
N ILE A 377 -24.51 -31.68 11.84
CA ILE A 377 -24.45 -30.29 12.27
C ILE A 377 -24.74 -30.10 13.76
N ASN A 378 -23.78 -29.58 14.50
CA ASN A 378 -24.12 -29.07 15.82
C ASN A 378 -24.60 -27.60 15.63
N PHE A 379 -25.91 -27.35 15.86
CA PHE A 379 -26.57 -26.08 15.59
C PHE A 379 -26.70 -25.29 16.90
N SER A 380 -26.22 -24.04 16.90
CA SER A 380 -26.28 -23.16 18.07
C SER A 380 -27.01 -21.82 17.81
N PRO A 381 -28.34 -21.84 17.84
CA PRO A 381 -29.08 -20.57 17.80
C PRO A 381 -29.14 -19.90 19.17
N TYR A 382 -28.74 -18.63 19.26
CA TYR A 382 -28.74 -17.86 20.53
C TYR A 382 -30.08 -17.12 20.68
N PRO A 383 -30.87 -17.49 21.72
CA PRO A 383 -32.18 -16.83 21.78
C PRO A 383 -32.15 -15.33 22.14
N ILE A 384 -31.13 -14.87 22.87
CA ILE A 384 -31.00 -13.45 23.30
C ILE A 384 -29.65 -12.96 22.81
N ALA A 385 -29.63 -12.32 21.65
CA ALA A 385 -28.41 -11.96 20.98
C ALA A 385 -28.80 -11.11 19.79
N GLU A 386 -27.80 -10.43 19.23
CA GLU A 386 -27.93 -9.75 17.98
C GLU A 386 -26.70 -10.17 17.14
N HIS A 387 -26.52 -9.55 15.98
CA HIS A 387 -25.49 -9.96 15.06
C HIS A 387 -24.08 -9.86 15.64
N LEU A 388 -23.77 -8.72 16.27
CA LEU A 388 -22.42 -8.51 16.83
C LEU A 388 -22.18 -9.22 18.12
N THR A 389 -23.21 -9.38 18.94
CA THR A 389 -22.97 -10.11 20.18
C THR A 389 -22.81 -11.65 19.95
N ALA A 390 -23.59 -12.22 19.05
CA ALA A 390 -23.43 -13.64 18.64
C ALA A 390 -22.08 -13.91 17.89
N GLU A 391 -21.49 -12.88 17.29
CA GLU A 391 -20.14 -13.01 16.75
C GLU A 391 -19.15 -13.46 17.84
N ILE A 392 -19.25 -12.88 19.03
CA ILE A 392 -18.44 -13.28 20.15
C ILE A 392 -18.91 -14.54 20.84
N PHE A 393 -20.22 -14.66 21.13
CA PHE A 393 -20.76 -15.80 21.90
C PHE A 393 -20.35 -17.18 21.26
N GLY A 394 -20.40 -17.24 19.94
CA GLY A 394 -20.07 -18.46 19.22
C GLY A 394 -18.60 -18.65 18.94
N LEU A 395 -17.75 -17.69 19.30
CA LEU A 395 -16.35 -17.76 18.89
C LEU A 395 -15.59 -18.90 19.63
N VAL A 396 -15.64 -18.94 20.94
CA VAL A 396 -14.91 -20.01 21.66
C VAL A 396 -15.49 -21.41 21.31
N PRO A 397 -16.82 -21.56 21.34
CA PRO A 397 -17.38 -22.82 20.82
C PRO A 397 -16.90 -23.21 19.41
N SER A 398 -16.83 -22.22 18.52
CA SER A 398 -16.34 -22.39 17.15
C SER A 398 -14.92 -22.98 17.07
N LEU A 399 -13.99 -22.35 17.78
CA LEU A 399 -12.56 -22.79 17.78
C LEU A 399 -12.33 -24.10 18.50
N TRP A 400 -12.99 -24.31 19.64
CA TRP A 400 -13.02 -25.60 20.30
C TRP A 400 -13.52 -26.66 19.32
N PHE A 401 -14.65 -26.39 18.66
CA PHE A 401 -15.16 -27.32 17.65
C PHE A 401 -14.12 -27.67 16.60
N ILE A 402 -13.41 -26.67 16.08
CA ILE A 402 -12.43 -26.91 15.00
C ILE A 402 -11.26 -27.75 15.51
N LYS A 403 -10.81 -27.48 16.74
CA LYS A 403 -9.75 -28.25 17.37
C LYS A 403 -10.12 -29.74 17.51
N GLN A 404 -11.33 -30.00 18.02
CA GLN A 404 -11.95 -31.32 18.08
C GLN A 404 -12.07 -31.96 16.69
N ALA A 405 -12.47 -31.21 15.67
CA ALA A 405 -12.54 -31.79 14.30
C ALA A 405 -11.19 -32.27 13.75
N PHE A 406 -10.14 -31.49 13.99
CA PHE A 406 -8.79 -31.88 13.67
C PHE A 406 -8.35 -33.10 14.46
N ASP A 407 -8.79 -33.21 15.72
CA ASP A 407 -8.44 -34.33 16.56
C ASP A 407 -9.30 -35.58 16.39
N GLY A 408 -10.40 -35.48 15.64
CA GLY A 408 -11.30 -36.61 15.43
C GLY A 408 -12.22 -36.80 16.62
N THR A 409 -12.43 -35.75 17.41
CA THR A 409 -13.10 -35.95 18.70
C THR A 409 -14.37 -35.11 18.80
N THR A 410 -14.96 -34.75 17.65
CA THR A 410 -16.22 -34.01 17.72
C THR A 410 -17.24 -34.97 18.32
N PRO A 411 -18.01 -34.49 19.30
CA PRO A 411 -19.03 -35.30 19.97
C PRO A 411 -20.20 -35.67 19.08
N LYS A 412 -20.78 -36.85 19.34
CA LYS A 412 -21.89 -37.31 18.57
C LYS A 412 -23.12 -36.54 19.09
N VAL A 413 -23.87 -35.95 18.17
CA VAL A 413 -25.04 -35.12 18.52
C VAL A 413 -26.14 -35.48 17.55
N ILE A 414 -27.39 -35.36 17.99
CA ILE A 414 -28.53 -35.45 17.09
C ILE A 414 -28.48 -34.18 16.22
N CYS A 415 -28.31 -34.38 14.92
CA CYS A 415 -28.16 -33.27 13.96
C CYS A 415 -29.20 -32.20 14.08
N GLY A 416 -28.75 -30.96 14.32
CA GLY A 416 -29.62 -29.82 14.11
C GLY A 416 -30.40 -29.44 15.34
N THR A 417 -30.19 -30.16 16.44
CA THR A 417 -30.85 -29.82 17.71
C THR A 417 -30.41 -28.42 18.17
N PRO A 418 -31.38 -27.52 18.34
CA PRO A 418 -31.02 -26.13 18.66
C PRO A 418 -30.53 -26.00 20.11
N ILE A 419 -29.21 -25.93 20.29
CA ILE A 419 -28.62 -25.78 21.62
C ILE A 419 -27.65 -24.55 21.65
N PRO A 420 -27.93 -23.51 22.48
CA PRO A 420 -26.95 -22.39 22.55
C PRO A 420 -25.62 -22.90 23.14
N ALA A 421 -24.54 -22.77 22.37
CA ALA A 421 -23.24 -23.20 22.84
C ALA A 421 -22.62 -22.07 23.69
N ILE A 422 -22.32 -22.39 24.94
CA ILE A 422 -21.85 -21.38 25.88
C ILE A 422 -20.47 -21.78 26.41
N ALA A 423 -19.47 -20.90 26.30
CA ALA A 423 -18.11 -21.25 26.73
C ALA A 423 -18.16 -21.46 28.23
N GLY A 424 -17.56 -22.54 28.72
CA GLY A 424 -17.52 -22.84 30.13
C GLY A 424 -18.67 -23.73 30.51
N ILE A 425 -19.72 -23.80 29.67
CA ILE A 425 -20.84 -24.69 29.97
C ILE A 425 -20.83 -25.90 28.99
N THR A 426 -20.99 -25.64 27.69
CA THR A 426 -21.00 -26.73 26.69
C THR A 426 -19.63 -26.99 26.07
N THR A 427 -18.67 -26.12 26.40
CA THR A 427 -17.27 -26.26 25.96
C THR A 427 -16.36 -25.94 27.14
N PRO A 428 -15.05 -26.21 27.00
CA PRO A 428 -14.21 -25.61 28.05
C PRO A 428 -14.26 -24.05 28.11
N SER A 429 -13.75 -23.47 29.19
CA SER A 429 -13.65 -22.00 29.36
C SER A 429 -12.84 -21.36 28.24
N ALA A 430 -13.03 -20.04 28.05
CA ALA A 430 -12.25 -19.23 27.11
C ALA A 430 -10.72 -19.40 27.29
N ASP A 431 -10.29 -19.39 28.55
CA ASP A 431 -8.85 -19.51 28.90
C ASP A 431 -8.31 -20.87 28.53
N GLN A 432 -9.11 -21.89 28.84
CA GLN A 432 -8.87 -23.27 28.41
C GLN A 432 -8.70 -23.39 26.91
N VAL A 433 -9.64 -22.86 26.14
CA VAL A 433 -9.63 -23.03 24.68
C VAL A 433 -8.58 -22.13 24.03
N LEU A 434 -8.54 -20.87 24.43
CA LEU A 434 -7.75 -19.86 23.74
C LEU A 434 -6.36 -19.63 24.36
N GLY A 435 -6.23 -19.94 25.65
CA GLY A 435 -5.06 -19.57 26.46
C GLY A 435 -5.39 -18.19 26.99
N SER A 436 -4.76 -17.77 28.10
CA SER A 436 -5.06 -16.49 28.76
C SER A 436 -4.86 -15.29 27.89
N ASP A 437 -3.76 -15.30 27.13
CA ASP A 437 -3.36 -14.17 26.29
C ASP A 437 -4.46 -13.86 25.30
N LEU A 438 -4.77 -14.83 24.44
CA LEU A 438 -5.86 -14.70 23.45
C LEU A 438 -7.27 -14.51 24.06
N ALA A 439 -7.57 -15.15 25.19
CA ALA A 439 -8.83 -14.84 25.86
C ALA A 439 -8.85 -13.42 26.43
N ASN A 440 -7.74 -12.93 26.97
CA ASN A 440 -7.71 -11.52 27.38
C ASN A 440 -7.94 -10.60 26.19
N GLN A 441 -7.37 -10.92 25.02
CA GLN A 441 -7.62 -10.13 23.79
C GLN A 441 -9.13 -10.15 23.41
N LEU A 442 -9.75 -11.32 23.58
CA LEU A 442 -11.18 -11.46 23.24
C LEU A 442 -12.06 -10.63 24.20
N ARG A 443 -11.73 -10.66 25.50
CA ARG A 443 -12.40 -9.80 26.50
C ARG A 443 -12.25 -8.31 26.19
N SER A 444 -11.12 -7.94 25.63
CA SER A 444 -10.94 -6.51 25.26
C SER A 444 -11.90 -5.97 24.19
N LEU A 445 -12.43 -6.87 23.35
CA LEU A 445 -13.44 -6.44 22.36
C LEU A 445 -14.76 -5.97 22.96
N ASP A 446 -15.07 -6.39 24.18
CA ASP A 446 -16.40 -6.14 24.75
C ASP A 446 -16.61 -4.63 24.77
N GLY A 447 -17.71 -4.15 24.17
CA GLY A 447 -17.94 -2.70 24.10
C GLY A 447 -17.18 -1.92 23.03
N LYS A 448 -16.20 -2.53 22.38
CA LYS A 448 -15.60 -1.87 21.22
C LYS A 448 -16.46 -1.97 19.99
N GLN A 449 -16.39 -0.93 19.14
CA GLN A 449 -17.08 -0.90 17.84
C GLN A 449 -16.56 -1.99 16.91
N SER A 450 -17.49 -2.60 16.19
CA SER A 450 -17.19 -3.60 15.20
C SER A 450 -17.07 -2.85 13.87
N ALA A 451 -16.71 -3.56 12.81
CA ALA A 451 -16.80 -2.99 11.45
C ALA A 451 -18.21 -2.41 11.11
N PHE A 452 -19.26 -2.98 11.74
CA PHE A 452 -20.65 -2.65 11.42
C PHE A 452 -21.18 -1.45 12.18
N GLY A 453 -20.32 -0.85 13.00
CA GLY A 453 -20.69 0.31 13.85
C GLY A 453 -21.47 -0.06 15.11
N LYS A 454 -21.61 -1.34 15.43
CA LYS A 454 -22.30 -1.71 16.66
C LYS A 454 -21.26 -2.41 17.52
N PRO A 455 -21.32 -2.23 18.86
CA PRO A 455 -20.30 -2.82 19.75
C PRO A 455 -20.39 -4.36 19.88
N PHE A 456 -19.23 -5.01 19.99
CA PHE A 456 -19.15 -6.37 20.50
C PHE A 456 -19.63 -6.43 21.96
N GLY A 457 -20.02 -7.62 22.41
CA GLY A 457 -20.31 -7.81 23.85
C GLY A 457 -19.38 -8.84 24.46
N PRO A 458 -19.83 -9.50 25.56
CA PRO A 458 -18.98 -10.48 26.26
C PRO A 458 -18.92 -11.86 25.60
N ILE A 459 -18.08 -12.71 26.19
CA ILE A 459 -17.87 -14.08 25.74
C ILE A 459 -19.10 -14.99 25.91
N THR A 460 -19.85 -14.79 27.01
CA THR A 460 -21.05 -15.55 27.30
C THR A 460 -22.25 -14.61 27.40
N PRO A 461 -23.45 -15.06 26.98
CA PRO A 461 -24.61 -14.21 27.19
C PRO A 461 -24.80 -13.95 28.70
N PRO A 462 -25.11 -12.69 29.09
CA PRO A 462 -25.37 -12.30 30.51
C PRO A 462 -26.48 -13.13 31.24
N ALA B 32 37.15 9.40 5.78
CA ALA B 32 37.11 10.00 4.42
C ALA B 32 38.15 11.12 4.30
N ALA B 33 38.17 11.76 3.15
CA ALA B 33 39.22 12.69 2.77
C ALA B 33 39.24 13.93 3.65
N LEU B 34 38.11 14.24 4.29
CA LEU B 34 37.91 15.40 5.18
C LEU B 34 37.30 14.89 6.48
N PRO B 35 37.37 15.71 7.56
CA PRO B 35 36.72 15.36 8.82
C PRO B 35 35.21 15.12 8.58
N ASN B 36 34.57 14.42 9.51
CA ASN B 36 33.12 14.44 9.66
C ASN B 36 32.62 15.90 9.71
N PRO B 37 31.54 16.22 8.96
CA PRO B 37 30.93 17.56 8.96
C PRO B 37 30.60 18.13 10.34
N TYR B 38 30.22 17.31 11.32
CA TYR B 38 30.02 17.80 12.70
C TYR B 38 31.33 18.35 13.27
N ASP B 39 32.45 17.84 12.74
CA ASP B 39 33.77 18.28 13.27
C ASP B 39 34.42 19.40 12.45
N ASP B 40 33.68 19.99 11.52
CA ASP B 40 34.27 20.83 10.47
C ASP B 40 33.56 22.19 10.43
N PRO B 41 34.28 23.31 10.74
CA PRO B 41 33.67 24.64 10.77
C PRO B 41 33.13 25.05 9.42
N PHE B 42 33.51 24.34 8.36
CA PHE B 42 32.99 24.68 7.00
C PHE B 42 31.45 24.49 6.99
N TYR B 43 30.96 23.59 7.85
CA TYR B 43 29.53 23.39 8.00
C TYR B 43 28.94 24.15 9.14
N THR B 44 29.17 25.45 9.14
CA THR B 44 28.67 26.36 10.16
C THR B 44 28.31 27.72 9.54
N THR B 45 27.35 28.41 10.11
CA THR B 45 26.89 29.71 9.61
C THR B 45 27.66 30.85 10.27
N PRO B 46 28.26 31.76 9.50
CA PRO B 46 29.06 32.85 10.06
C PRO B 46 28.17 33.93 10.69
N SER B 47 28.73 34.64 11.63
CA SER B 47 28.00 35.71 12.27
C SER B 47 27.54 36.83 11.32
N ASN B 48 28.30 37.08 10.24
CA ASN B 48 27.93 38.11 9.22
C ASN B 48 27.20 37.55 8.01
N ILE B 49 26.60 36.37 8.15
CA ILE B 49 25.84 35.72 7.08
C ILE B 49 24.85 36.68 6.42
N GLY B 50 24.26 37.56 7.23
CA GLY B 50 23.33 38.61 6.77
C GLY B 50 23.90 39.60 5.76
N THR B 51 25.23 39.71 5.64
CA THR B 51 25.80 40.62 4.66
C THR B 51 25.95 40.03 3.26
N PHE B 52 25.67 38.73 3.08
CA PHE B 52 25.74 38.09 1.77
C PHE B 52 24.40 38.04 1.02
N ALA B 53 24.46 38.23 -0.30
CA ALA B 53 23.27 38.11 -1.14
C ALA B 53 22.96 36.61 -1.26
N LYS B 54 21.72 36.28 -1.60
CA LYS B 54 21.30 34.88 -1.81
C LYS B 54 22.12 34.27 -2.92
N GLY B 55 22.74 33.11 -2.68
CA GLY B 55 23.59 32.51 -3.72
C GLY B 55 25.01 33.05 -3.74
N GLN B 56 25.33 34.02 -2.87
CA GLN B 56 26.70 34.54 -2.82
C GLN B 56 27.60 33.54 -2.13
N VAL B 57 28.77 33.31 -2.74
CA VAL B 57 29.76 32.37 -2.23
C VAL B 57 30.47 33.01 -1.04
N ILE B 58 30.57 32.28 0.08
CA ILE B 58 31.23 32.79 1.29
C ILE B 58 32.70 32.36 1.30
N GLN B 59 32.92 31.09 0.94
CA GLN B 59 34.16 30.38 1.04
C GLN B 59 34.08 29.23 0.04
N SER B 60 35.21 28.83 -0.51
CA SER B 60 35.27 27.67 -1.38
C SER B 60 36.50 26.84 -1.04
N ARG B 61 36.51 25.54 -1.33
CA ARG B 61 37.73 24.70 -1.20
C ARG B 61 37.72 23.59 -2.24
N LYS B 62 38.89 23.28 -2.80
CA LYS B 62 39.01 22.11 -3.69
C LYS B 62 38.85 20.82 -2.87
N VAL B 63 38.17 19.79 -3.41
CA VAL B 63 37.98 18.52 -2.72
C VAL B 63 38.17 17.34 -3.69
N PRO B 64 38.71 16.24 -3.17
CA PRO B 64 38.81 15.05 -4.03
C PRO B 64 37.52 14.26 -3.94
N THR B 65 36.90 13.98 -5.09
CA THR B 65 35.65 13.21 -5.16
C THR B 65 35.90 12.05 -6.07
N ASP B 66 35.19 10.94 -5.85
CA ASP B 66 35.31 9.78 -6.73
C ASP B 66 34.88 10.14 -8.14
N ILE B 67 33.80 10.92 -8.26
CA ILE B 67 33.26 11.30 -9.55
C ILE B 67 34.28 12.23 -10.27
N GLY B 68 34.83 13.21 -9.56
CA GLY B 68 35.83 14.11 -10.11
C GLY B 68 37.06 13.41 -10.63
N ASN B 69 37.59 12.46 -9.84
CA ASN B 69 38.69 11.59 -10.23
C ASN B 69 38.33 10.76 -11.46
N ALA B 70 37.15 10.12 -11.47
CA ALA B 70 36.75 9.24 -12.59
C ALA B 70 36.52 9.93 -13.92
N ASN B 71 36.32 11.24 -13.92
CA ASN B 71 35.87 12.00 -15.10
C ASN B 71 36.77 13.17 -15.45
N ASN B 72 37.91 13.33 -14.76
CA ASN B 72 38.87 14.40 -15.07
C ASN B 72 38.24 15.79 -14.90
N ALA B 73 37.39 15.92 -13.88
CA ALA B 73 36.73 17.16 -13.53
C ALA B 73 37.18 17.58 -12.15
N ALA B 74 37.61 18.82 -12.04
CA ALA B 74 37.94 19.44 -10.77
C ALA B 74 36.67 19.58 -9.89
N SER B 75 36.76 19.22 -8.62
CA SER B 75 35.59 19.35 -7.74
C SER B 75 35.88 20.26 -6.55
N PHE B 76 34.88 21.03 -6.15
CA PHE B 76 35.02 22.01 -5.08
C PHE B 76 33.76 21.97 -4.23
N GLN B 77 33.89 22.39 -2.96
CA GLN B 77 32.77 22.69 -2.09
C GLN B 77 32.68 24.18 -1.91
N LEU B 78 31.45 24.67 -2.00
CA LEU B 78 31.17 26.08 -1.93
C LEU B 78 30.34 26.23 -0.70
N GLN B 79 30.75 27.10 0.21
CA GLN B 79 29.90 27.49 1.31
C GLN B 79 29.19 28.77 0.84
N TYR B 80 27.87 28.81 0.84
CA TYR B 80 27.13 29.92 0.23
C TYR B 80 25.91 30.33 1.09
N ARG B 81 25.45 31.54 0.92
CA ARG B 81 24.31 32.04 1.62
C ARG B 81 23.00 31.63 0.94
N THR B 82 22.12 31.07 1.74
CA THR B 82 20.75 30.80 1.37
C THR B 82 19.75 31.30 2.44
N THR B 83 18.57 30.72 2.43
CA THR B 83 17.44 31.13 3.24
C THR B 83 16.65 29.94 3.72
N ASN B 84 16.33 29.91 5.01
CA ASN B 84 15.62 28.77 5.57
C ASN B 84 14.11 28.99 5.49
N THR B 85 13.37 28.02 5.99
CA THR B 85 11.90 28.02 6.00
C THR B 85 11.33 29.24 6.73
N GLN B 86 12.08 29.72 7.73
CA GLN B 86 11.66 30.88 8.54
C GLN B 86 12.10 32.15 7.90
N ASN B 87 12.61 32.04 6.68
CA ASN B 87 13.14 33.20 5.93
C ASN B 87 14.31 33.92 6.58
N GLU B 88 15.10 33.16 7.33
CA GLU B 88 16.40 33.59 7.86
C GLU B 88 17.56 33.30 6.90
N ALA B 89 18.55 34.18 6.87
CA ALA B 89 19.80 33.94 6.14
C ALA B 89 20.63 32.88 6.88
N VAL B 90 21.00 31.82 6.18
CA VAL B 90 21.83 30.77 6.74
C VAL B 90 22.88 30.44 5.68
N ALA B 91 23.93 29.75 6.08
CA ALA B 91 24.83 29.16 5.08
C ALA B 91 24.42 27.72 4.73
N ASP B 92 24.93 27.25 3.60
CA ASP B 92 24.84 25.85 3.24
C ASP B 92 26.07 25.50 2.46
N VAL B 93 26.21 24.22 2.13
CA VAL B 93 27.31 23.68 1.35
C VAL B 93 26.79 23.01 0.06
N ALA B 94 27.47 23.23 -1.06
CA ALA B 94 27.17 22.51 -2.32
C ALA B 94 28.49 21.97 -2.83
N THR B 95 28.40 20.96 -3.69
CA THR B 95 29.56 20.39 -4.36
C THR B 95 29.42 20.76 -5.86
N VAL B 96 30.47 21.25 -6.50
CA VAL B 96 30.42 21.53 -7.97
C VAL B 96 31.55 20.79 -8.69
N TRP B 97 31.30 20.39 -9.93
CA TRP B 97 32.33 19.78 -10.78
C TRP B 97 32.44 20.61 -12.04
N ILE B 98 33.67 20.87 -12.48
CA ILE B 98 33.98 21.70 -13.64
C ILE B 98 34.46 20.73 -14.70
N PRO B 99 33.71 20.61 -15.81
CA PRO B 99 34.05 19.70 -16.88
C PRO B 99 35.37 20.16 -17.48
N ALA B 100 36.26 19.23 -17.83
CA ALA B 100 37.48 19.64 -18.50
C ALA B 100 37.18 20.27 -19.88
N LYS B 101 36.17 19.78 -20.59
CA LYS B 101 35.77 20.51 -21.81
C LYS B 101 34.29 20.96 -21.79
N PRO B 102 34.04 22.22 -21.36
CA PRO B 102 32.66 22.72 -21.17
C PRO B 102 31.88 22.94 -22.45
N ALA B 103 30.62 22.53 -22.47
CA ALA B 103 29.69 22.83 -23.53
C ALA B 103 29.50 24.35 -23.61
N SER B 104 29.10 24.83 -24.78
CA SER B 104 28.88 26.23 -24.97
C SER B 104 27.57 26.40 -25.72
N PRO B 105 26.73 27.39 -25.32
CA PRO B 105 26.97 28.32 -24.18
C PRO B 105 26.84 27.55 -22.84
N PRO B 106 27.32 28.12 -21.71
CA PRO B 106 27.36 27.31 -20.48
C PRO B 106 26.04 26.70 -20.10
N LYS B 107 26.08 25.46 -19.65
CA LYS B 107 24.91 24.71 -19.18
C LYS B 107 25.20 24.20 -17.76
N ILE B 108 24.22 24.38 -16.88
CA ILE B 108 24.31 23.93 -15.49
C ILE B 108 23.28 22.82 -15.19
N PHE B 109 23.79 21.65 -14.82
CA PHE B 109 23.00 20.47 -14.45
C PHE B 109 23.00 20.38 -12.93
N SER B 110 21.82 20.52 -12.31
CA SER B 110 21.70 20.43 -10.84
C SER B 110 21.12 19.06 -10.49
N TYR B 111 21.92 18.24 -9.79
CA TYR B 111 21.52 16.88 -9.44
C TYR B 111 21.19 16.78 -7.96
N GLN B 112 19.99 16.27 -7.67
CA GLN B 112 19.49 16.15 -6.30
C GLN B 112 19.53 14.73 -5.82
N VAL B 113 20.28 14.50 -4.75
CA VAL B 113 20.50 13.21 -4.10
C VAL B 113 19.33 12.85 -3.13
N TYR B 114 18.99 11.59 -3.11
CA TYR B 114 18.06 11.06 -2.10
C TYR B 114 18.78 10.82 -0.77
N GLU B 115 19.16 11.89 -0.06
CA GLU B 115 19.80 11.74 1.25
C GLU B 115 18.94 10.95 2.27
N ASP B 116 17.66 11.32 2.37
CA ASP B 116 16.67 10.57 3.17
C ASP B 116 17.07 10.31 4.63
N ALA B 117 17.57 11.36 5.30
CA ALA B 117 18.07 11.21 6.65
C ALA B 117 18.03 12.57 7.34
N THR B 118 18.04 12.58 8.67
CA THR B 118 18.01 13.80 9.46
C THR B 118 19.24 13.96 10.37
N ALA B 119 20.43 13.64 9.84
CA ALA B 119 21.68 13.89 10.60
C ALA B 119 22.62 14.65 9.67
N LEU B 120 23.44 15.54 10.21
CA LEU B 120 24.33 16.33 9.37
C LEU B 120 25.30 15.46 8.50
N ASP B 121 25.91 14.46 9.08
CA ASP B 121 26.96 13.74 8.35
C ASP B 121 26.38 12.85 7.24
N CYS B 122 25.06 12.95 7.01
CA CYS B 122 24.39 12.22 5.89
C CYS B 122 24.44 13.03 4.58
N ALA B 123 24.97 14.23 4.71
CA ALA B 123 25.04 15.26 3.62
C ALA B 123 25.65 14.76 2.33
N PRO B 124 25.04 15.11 1.17
CA PRO B 124 25.60 14.75 -0.13
C PRO B 124 27.08 15.13 -0.27
N SER B 125 27.48 16.34 0.12
CA SER B 125 28.88 16.81 -0.04
C SER B 125 29.92 15.89 0.59
N TYR B 126 29.67 15.51 1.84
CA TYR B 126 30.51 14.54 2.54
C TYR B 126 30.51 13.21 1.81
N SER B 127 29.33 12.71 1.40
CA SER B 127 29.23 11.40 0.72
C SER B 127 29.96 11.32 -0.65
N TYR B 128 30.01 12.44 -1.40
CA TYR B 128 30.76 12.51 -2.64
C TYR B 128 32.30 12.40 -2.52
N LEU B 129 32.83 12.73 -1.33
CA LEU B 129 34.29 12.67 -1.11
C LEU B 129 34.85 11.28 -1.42
N THR B 130 36.09 11.23 -1.91
CA THR B 130 36.86 9.98 -1.82
C THR B 130 36.91 9.53 -0.36
N GLY B 131 36.74 8.24 -0.15
CA GLY B 131 36.73 7.68 1.17
C GLY B 131 35.64 6.64 1.15
N LEU B 132 35.58 5.84 2.20
CA LEU B 132 34.69 4.70 2.25
C LEU B 132 33.87 4.62 3.53
N ASP B 133 34.09 5.54 4.47
CA ASP B 133 33.46 5.44 5.78
C ASP B 133 32.26 6.40 5.99
N GLN B 134 31.98 7.30 5.04
CA GLN B 134 30.81 8.15 5.14
C GLN B 134 29.53 7.34 5.38
N PRO B 135 28.74 7.71 6.40
CA PRO B 135 27.57 6.84 6.67
C PRO B 135 26.47 6.77 5.57
N ASN B 136 26.34 7.79 4.74
CA ASN B 136 25.41 7.77 3.59
C ASN B 136 26.15 7.62 2.25
N LYS B 137 27.37 7.08 2.28
CA LYS B 137 28.17 6.84 1.09
C LYS B 137 27.34 6.19 -0.01
N VAL B 138 26.41 5.29 0.35
CA VAL B 138 25.69 4.50 -0.64
C VAL B 138 24.90 5.36 -1.67
N THR B 139 24.52 6.57 -1.24
CA THR B 139 23.70 7.50 -2.02
C THR B 139 24.50 8.26 -3.12
N ALA B 140 25.81 8.23 -2.99
CA ALA B 140 26.73 8.84 -3.90
C ALA B 140 27.32 7.84 -4.91
N VAL B 141 27.12 6.56 -4.71
CA VAL B 141 27.65 5.57 -5.59
C VAL B 141 26.46 5.03 -6.41
N LEU B 142 26.50 3.90 -7.01
CA LEU B 142 25.23 3.42 -7.65
C LEU B 142 24.79 4.19 -8.89
N ASP B 143 23.56 4.69 -8.99
CA ASP B 143 23.16 5.51 -10.12
C ASP B 143 23.75 6.91 -10.16
N THR B 144 24.01 7.49 -9.02
CA THR B 144 24.51 8.85 -8.87
C THR B 144 25.77 9.14 -9.75
N PRO B 145 26.84 8.31 -9.65
CA PRO B 145 28.03 8.62 -10.46
C PRO B 145 27.83 8.45 -11.96
N ILE B 146 26.90 7.59 -12.32
CA ILE B 146 26.55 7.41 -13.70
C ILE B 146 25.90 8.66 -14.24
N ILE B 147 24.96 9.24 -13.48
CA ILE B 147 24.25 10.45 -13.93
C ILE B 147 25.16 11.69 -14.01
N ILE B 148 25.92 11.93 -12.96
CA ILE B 148 26.88 13.05 -12.95
C ILE B 148 28.01 12.91 -13.96
N GLY B 149 28.56 11.70 -14.06
CA GLY B 149 29.57 11.40 -15.04
C GLY B 149 29.05 11.70 -16.47
N TRP B 150 27.86 11.17 -16.78
CA TRP B 150 27.20 11.47 -18.03
C TRP B 150 27.13 12.97 -18.26
N ALA B 151 26.68 13.70 -17.25
CA ALA B 151 26.54 15.15 -17.38
C ALA B 151 27.90 15.83 -17.70
N LEU B 152 28.93 15.46 -16.95
CA LEU B 152 30.27 15.98 -17.19
C LEU B 152 30.79 15.64 -18.59
N GLN B 153 30.51 14.42 -19.08
CA GLN B 153 30.87 14.01 -20.42
C GLN B 153 30.16 14.82 -21.53
N GLN B 154 29.01 15.40 -21.21
CA GLN B 154 28.34 16.38 -22.08
C GLN B 154 28.97 17.74 -22.02
N GLY B 155 29.85 17.99 -21.07
CA GLY B 155 30.46 19.31 -20.87
C GLY B 155 29.59 20.22 -20.02
N TYR B 156 28.66 19.63 -19.25
CA TYR B 156 27.89 20.47 -18.29
C TYR B 156 28.66 20.70 -17.03
N TYR B 157 28.57 21.94 -16.50
CA TYR B 157 28.87 22.23 -15.11
C TYR B 157 27.81 21.53 -14.21
N VAL B 158 28.28 20.85 -13.17
CA VAL B 158 27.35 20.10 -12.31
C VAL B 158 27.44 20.69 -10.90
N VAL B 159 26.26 20.96 -10.32
CA VAL B 159 26.10 21.30 -8.92
C VAL B 159 25.18 20.28 -8.26
N SER B 160 25.53 19.86 -7.05
CA SER B 160 24.62 19.09 -6.18
C SER B 160 24.75 19.75 -4.82
N SER B 161 23.66 20.30 -4.33
CA SER B 161 23.62 21.01 -3.07
C SER B 161 23.30 20.09 -1.92
N ASP B 162 23.69 20.49 -0.73
CA ASP B 162 23.19 19.82 0.47
C ASP B 162 21.77 20.40 0.72
N HIS B 163 20.79 19.84 0.05
CA HIS B 163 19.49 20.52 -0.02
C HIS B 163 18.76 20.52 1.30
N GLU B 164 19.06 19.56 2.18
CA GLU B 164 18.45 19.52 3.53
C GLU B 164 18.98 20.59 4.52
N GLY B 165 20.11 21.21 4.14
CA GLY B 165 20.68 22.32 4.92
C GLY B 165 21.38 21.81 6.17
N PHE B 166 21.90 22.75 6.96
CA PHE B 166 22.71 22.37 8.15
C PHE B 166 21.86 21.71 9.26
N LYS B 167 20.54 21.92 9.24
CA LYS B 167 19.64 21.22 10.16
C LYS B 167 19.33 19.81 9.72
N ALA B 168 19.69 19.41 8.48
CA ALA B 168 19.33 18.08 7.93
C ALA B 168 17.80 17.88 7.95
N ALA B 169 17.07 18.90 7.49
CA ALA B 169 15.62 18.95 7.49
C ALA B 169 15.01 18.20 6.26
N PHE B 170 15.17 16.88 6.27
CA PHE B 170 14.64 16.02 5.22
C PHE B 170 13.15 16.29 4.99
N ILE B 171 12.81 16.51 3.72
CA ILE B 171 11.42 16.64 3.26
C ILE B 171 10.79 17.99 3.50
N ALA B 172 11.54 18.92 4.10
CA ALA B 172 11.10 20.30 4.21
C ALA B 172 11.27 21.05 2.84
N GLY B 173 10.16 21.23 2.10
CA GLY B 173 10.25 21.66 0.73
C GLY B 173 10.74 23.08 0.48
N TYR B 174 10.37 24.00 1.35
CA TYR B 174 10.89 25.37 1.20
C TYR B 174 12.37 25.42 1.45
N GLU B 175 12.81 24.75 2.51
CA GLU B 175 14.22 24.59 2.83
C GLU B 175 15.00 24.04 1.63
N GLU B 176 14.52 22.90 1.12
CA GLU B 176 15.18 22.20 0.04
C GLU B 176 15.16 23.04 -1.24
N GLY B 177 14.00 23.52 -1.69
CA GLY B 177 13.95 24.33 -2.95
C GLY B 177 14.84 25.57 -2.98
N MET B 178 14.82 26.35 -1.90
CA MET B 178 15.62 27.58 -1.82
C MET B 178 17.13 27.23 -1.81
N ALA B 179 17.52 26.19 -1.04
CA ALA B 179 18.94 25.78 -1.01
C ALA B 179 19.49 25.39 -2.38
N ILE B 180 18.66 24.66 -3.16
CA ILE B 180 19.02 24.21 -4.51
C ILE B 180 19.14 25.37 -5.49
N LEU B 181 18.17 26.30 -5.43
CA LEU B 181 18.21 27.46 -6.30
C LEU B 181 19.43 28.35 -5.99
N ASP B 182 19.75 28.50 -4.71
CA ASP B 182 20.88 29.33 -4.27
C ASP B 182 22.23 28.66 -4.58
N GLY B 183 22.24 27.31 -4.57
CA GLY B 183 23.41 26.51 -5.05
C GLY B 183 23.66 26.69 -6.56
N ILE B 184 22.60 26.79 -7.36
CA ILE B 184 22.74 27.10 -8.80
C ILE B 184 23.33 28.51 -8.96
N ARG B 185 22.79 29.48 -8.20
CA ARG B 185 23.32 30.83 -8.13
C ARG B 185 24.79 30.82 -7.74
N ALA B 186 25.11 30.05 -6.69
CA ALA B 186 26.48 29.90 -6.17
C ALA B 186 27.45 29.38 -7.25
N LEU B 187 27.08 28.35 -8.01
CA LEU B 187 27.95 27.91 -9.10
C LEU B 187 28.17 28.99 -10.18
N LYS B 188 27.10 29.71 -10.54
CA LYS B 188 27.17 30.76 -11.56
C LYS B 188 28.08 31.92 -11.12
N ASN B 189 27.93 32.28 -9.87
CA ASN B 189 28.84 33.19 -9.20
C ASN B 189 30.28 32.71 -9.24
N TYR B 190 30.52 31.52 -8.71
CA TYR B 190 31.82 30.99 -8.56
C TYR B 190 32.62 30.88 -9.87
N GLN B 191 31.98 30.41 -10.91
CA GLN B 191 32.56 30.27 -12.23
C GLN B 191 32.33 31.44 -13.21
N ASN B 192 31.83 32.56 -12.72
CA ASN B 192 31.47 33.69 -13.55
C ASN B 192 30.75 33.34 -14.86
N LEU B 193 29.66 32.59 -14.79
CA LEU B 193 28.94 32.10 -15.93
C LEU B 193 27.91 33.18 -16.21
N PRO B 194 27.49 33.33 -17.46
CA PRO B 194 26.47 34.35 -17.82
C PRO B 194 25.16 34.20 -17.06
N SER B 195 24.47 35.32 -16.89
CA SER B 195 23.22 35.35 -16.19
C SER B 195 22.13 34.53 -16.90
N ASP B 196 22.25 34.37 -18.22
CA ASP B 196 21.27 33.57 -18.98
C ASP B 196 21.65 32.09 -19.11
N SER B 197 22.71 31.66 -18.43
CA SER B 197 23.17 30.26 -18.47
C SER B 197 21.96 29.33 -18.34
N LYS B 198 21.88 28.33 -19.24
CA LYS B 198 20.77 27.37 -19.18
C LYS B 198 20.90 26.41 -17.97
N VAL B 199 19.77 26.20 -17.27
CA VAL B 199 19.74 25.34 -16.07
C VAL B 199 18.74 24.18 -16.28
N ALA B 200 19.16 22.95 -15.95
CA ALA B 200 18.25 21.82 -15.91
C ALA B 200 18.45 21.04 -14.58
N LEU B 201 17.40 20.41 -14.07
CA LEU B 201 17.47 19.72 -12.78
C LEU B 201 17.00 18.29 -12.94
N GLU B 202 17.59 17.40 -12.12
CA GLU B 202 17.26 15.99 -12.06
C GLU B 202 17.37 15.33 -10.64
N GLY B 203 16.52 14.32 -10.42
CA GLY B 203 16.60 13.57 -9.17
C GLY B 203 15.55 12.50 -9.08
N TYR B 204 15.77 11.58 -8.17
CA TYR B 204 14.88 10.49 -7.89
C TYR B 204 14.54 10.32 -6.40
N SER B 205 13.34 9.86 -6.11
CA SER B 205 12.91 9.48 -4.76
C SER B 205 12.97 10.74 -3.84
N GLY B 206 13.71 10.70 -2.75
CA GLY B 206 13.95 11.92 -1.97
C GLY B 206 14.55 13.07 -2.76
N GLY B 207 15.31 12.76 -3.82
CA GLY B 207 15.89 13.80 -4.71
C GLY B 207 14.87 14.39 -5.64
N ALA B 208 13.82 13.65 -5.94
CA ALA B 208 12.75 14.14 -6.79
C ALA B 208 11.86 15.09 -5.99
N HIS B 209 11.65 14.83 -4.68
CA HIS B 209 10.95 15.82 -3.83
C HIS B 209 11.70 17.15 -3.86
N ALA B 210 13.02 17.06 -3.74
CA ALA B 210 13.86 18.28 -3.65
C ALA B 210 13.81 19.01 -5.01
N THR B 211 13.87 18.24 -6.10
CA THR B 211 13.80 18.78 -7.46
C THR B 211 12.45 19.45 -7.78
N VAL B 212 11.35 18.75 -7.54
CA VAL B 212 10.03 19.41 -7.71
C VAL B 212 9.89 20.70 -6.91
N TRP B 213 10.42 20.70 -5.68
CA TRP B 213 10.32 21.90 -4.84
C TRP B 213 11.17 23.02 -5.40
N ALA B 214 12.34 22.70 -5.95
CA ALA B 214 13.17 23.75 -6.60
C ALA B 214 12.48 24.33 -7.86
N THR B 215 11.82 23.48 -8.64
CA THR B 215 11.15 23.91 -9.85
C THR B 215 9.96 24.79 -9.50
N SER B 216 9.30 24.48 -8.38
CA SER B 216 8.14 25.21 -7.89
C SER B 216 8.44 26.60 -7.33
N LEU B 217 9.53 26.74 -6.59
CA LEU B 217 9.87 28.02 -6.00
C LEU B 217 10.62 28.91 -6.99
N ALA B 218 11.00 28.36 -8.15
CA ALA B 218 11.81 29.14 -9.12
C ALA B 218 11.12 30.45 -9.49
N GLU B 219 9.86 30.38 -9.90
CA GLU B 219 9.19 31.61 -10.31
C GLU B 219 9.17 32.71 -9.21
N SER B 220 8.90 32.35 -7.95
CA SER B 220 8.91 33.36 -6.87
C SER B 220 10.31 33.69 -6.28
N TYR B 221 11.11 32.69 -5.99
CA TYR B 221 12.43 32.85 -5.38
C TYR B 221 13.63 33.15 -6.29
N ALA B 222 13.67 32.57 -7.49
CA ALA B 222 14.72 32.78 -8.43
C ALA B 222 14.29 32.89 -9.87
N PRO B 223 13.44 33.87 -10.14
CA PRO B 223 12.93 34.07 -11.53
C PRO B 223 14.00 34.36 -12.60
N GLU B 224 15.19 34.82 -12.22
CA GLU B 224 16.25 35.14 -13.17
C GLU B 224 17.04 33.89 -13.67
N LEU B 225 16.86 32.74 -13.02
CA LEU B 225 17.48 31.50 -13.45
C LEU B 225 16.79 31.02 -14.68
N ASN B 226 17.57 30.86 -15.74
CA ASN B 226 17.10 30.37 -17.04
C ASN B 226 16.90 28.83 -17.08
N ILE B 227 15.85 28.37 -16.37
CA ILE B 227 15.60 26.91 -16.26
C ILE B 227 14.95 26.37 -17.55
N VAL B 228 15.61 25.44 -18.26
CA VAL B 228 15.10 24.97 -19.55
C VAL B 228 14.48 23.57 -19.49
N GLY B 229 14.62 22.88 -18.35
CA GLY B 229 14.11 21.51 -18.25
C GLY B 229 14.22 20.96 -16.84
N ALA B 230 13.38 19.99 -16.48
CA ALA B 230 13.65 19.21 -15.26
C ALA B 230 13.11 17.83 -15.46
N SER B 231 13.67 16.88 -14.73
CA SER B 231 13.33 15.45 -14.89
C SER B 231 13.46 14.80 -13.53
N HIS B 232 12.39 14.13 -13.11
CA HIS B 232 12.36 13.53 -11.79
C HIS B 232 11.36 12.37 -11.72
N GLY B 233 11.72 11.38 -10.92
CA GLY B 233 11.01 10.11 -10.88
C GLY B 233 10.77 9.70 -9.44
N GLY B 234 9.81 8.80 -9.20
CA GLY B 234 9.52 8.35 -7.81
C GLY B 234 9.28 9.47 -6.81
N THR B 235 8.54 10.49 -7.27
CA THR B 235 8.37 11.78 -6.58
C THR B 235 7.36 11.78 -5.41
N PRO B 236 7.83 12.06 -4.17
CA PRO B 236 6.93 12.39 -3.07
C PRO B 236 6.38 13.82 -3.29
N VAL B 237 5.12 13.97 -3.66
CA VAL B 237 4.56 15.31 -3.89
C VAL B 237 3.79 15.84 -2.67
N SER B 238 3.27 14.93 -1.85
CA SER B 238 2.57 15.29 -0.61
C SER B 238 3.31 14.66 0.58
N ALA B 239 3.67 15.49 1.56
CA ALA B 239 4.25 14.98 2.81
C ALA B 239 3.27 14.02 3.55
N LYS B 240 2.03 14.50 3.78
CA LYS B 240 0.97 13.72 4.39
C LYS B 240 0.67 12.39 3.70
N ASP B 241 0.49 12.42 2.38
CA ASP B 241 0.18 11.17 1.64
C ASP B 241 1.34 10.20 1.65
N THR B 242 2.56 10.72 1.65
CA THR B 242 3.71 9.83 1.72
C THR B 242 3.74 9.23 3.15
N PHE B 243 3.49 10.05 4.17
CA PHE B 243 3.42 9.56 5.55
C PHE B 243 2.39 8.46 5.74
N THR B 244 1.19 8.65 5.19
CA THR B 244 0.09 7.70 5.41
C THR B 244 0.31 6.37 4.67
N PHE B 245 1.05 6.41 3.58
CA PHE B 245 1.42 5.25 2.77
C PHE B 245 2.49 4.40 3.50
N LEU B 246 3.48 5.04 4.09
CA LEU B 246 4.60 4.36 4.71
C LEU B 246 4.47 4.00 6.20
N ASN B 247 3.64 4.75 6.95
CA ASN B 247 3.52 4.52 8.41
C ASN B 247 3.14 3.05 8.71
N GLY B 248 3.82 2.42 9.68
CA GLY B 248 3.59 1.04 10.03
C GLY B 248 4.11 -0.08 9.09
N GLY B 249 4.70 0.27 7.94
CA GLY B 249 5.23 -0.76 7.02
C GLY B 249 6.73 -0.90 7.14
N PRO B 250 7.34 -1.68 6.22
CA PRO B 250 8.80 -1.98 6.22
C PRO B 250 9.68 -0.73 6.05
N PHE B 251 9.13 0.35 5.49
CA PHE B 251 9.89 1.58 5.28
C PHE B 251 9.34 2.70 6.14
N ALA B 252 8.75 2.29 7.28
CA ALA B 252 8.21 3.26 8.25
C ALA B 252 9.28 4.19 8.79
N GLY B 253 10.56 3.79 8.76
CA GLY B 253 11.64 4.72 9.16
C GLY B 253 11.60 6.03 8.35
N PHE B 254 11.20 5.93 7.08
CA PHE B 254 11.08 7.14 6.24
C PHE B 254 9.93 8.09 6.63
N ALA B 255 8.85 7.52 7.14
CA ALA B 255 7.77 8.29 7.76
C ALA B 255 8.30 9.01 9.00
N LEU B 256 9.08 8.32 9.85
CA LEU B 256 9.73 8.96 11.00
C LEU B 256 10.70 10.09 10.64
N ALA B 257 11.55 9.83 9.64
CA ALA B 257 12.52 10.79 9.11
C ALA B 257 11.85 12.08 8.60
N GLY B 258 10.67 11.95 7.98
CA GLY B 258 9.93 13.10 7.48
C GLY B 258 9.34 13.92 8.62
N VAL B 259 8.89 13.24 9.67
CA VAL B 259 8.42 13.92 10.88
C VAL B 259 9.59 14.68 11.54
N SER B 260 10.71 13.98 11.70
CA SER B 260 11.92 14.61 12.20
C SER B 260 12.33 15.81 11.34
N GLY B 261 12.38 15.64 10.02
CA GLY B 261 12.88 16.68 9.10
C GLY B 261 11.95 17.88 9.03
N LEU B 262 10.67 17.61 8.89
CA LEU B 262 9.71 18.71 8.99
C LEU B 262 9.73 19.46 10.33
N SER B 263 9.85 18.78 11.48
CA SER B 263 9.93 19.48 12.76
C SER B 263 11.19 20.41 12.89
N LEU B 264 12.30 20.01 12.25
CA LEU B 264 13.57 20.74 12.22
C LEU B 264 13.47 22.01 11.42
N ALA B 265 12.56 22.01 10.44
CA ALA B 265 12.24 23.19 9.68
C ALA B 265 11.05 24.00 10.22
N HIS B 266 10.29 23.45 11.15
CA HIS B 266 9.05 24.09 11.62
C HIS B 266 9.00 24.11 13.14
N PRO B 267 9.50 25.19 13.76
CA PRO B 267 9.75 25.22 15.22
C PRO B 267 8.52 25.02 16.07
N ASP B 268 7.38 25.51 15.62
CA ASP B 268 6.12 25.30 16.32
C ASP B 268 5.56 23.90 16.19
N MET B 269 5.75 23.27 15.04
CA MET B 269 5.48 21.83 15.00
C MET B 269 6.43 21.04 15.94
N GLU B 270 7.72 21.38 15.94
CA GLU B 270 8.69 20.71 16.80
C GLU B 270 8.16 20.71 18.26
N SER B 271 7.80 21.91 18.75
CA SER B 271 7.33 22.06 20.16
C SER B 271 6.04 21.33 20.41
N PHE B 272 5.10 21.48 19.49
CA PHE B 272 3.89 20.68 19.56
C PHE B 272 4.15 19.16 19.73
N ILE B 273 5.00 18.59 18.88
CA ILE B 273 5.34 17.17 18.98
C ILE B 273 6.11 16.81 20.28
N GLU B 274 7.13 17.59 20.63
CA GLU B 274 7.96 17.28 21.80
C GLU B 274 7.15 17.19 23.09
N ALA B 275 6.17 18.09 23.24
CA ALA B 275 5.23 18.08 24.36
C ALA B 275 4.46 16.77 24.44
N ARG B 276 4.37 16.06 23.31
CA ARG B 276 3.58 14.84 23.22
C ARG B 276 4.37 13.55 23.11
N LEU B 277 5.70 13.65 22.93
CA LEU B 277 6.52 12.43 22.92
C LEU B 277 6.47 11.75 24.28
N ASN B 278 6.29 10.43 24.27
CA ASN B 278 6.51 9.60 25.45
C ASN B 278 8.01 9.27 25.56
N ALA B 279 8.39 8.52 26.59
CA ALA B 279 9.78 8.11 26.80
C ALA B 279 10.43 7.43 25.58
N LYS B 280 9.75 6.46 25.00
CA LYS B 280 10.26 5.82 23.80
C LYS B 280 10.36 6.87 22.64
N GLY B 281 9.33 7.69 22.47
CA GLY B 281 9.39 8.72 21.42
C GLY B 281 10.57 9.70 21.53
N GLN B 282 10.87 10.10 22.77
CA GLN B 282 12.03 10.96 23.02
C GLN B 282 13.34 10.28 22.69
N ARG B 283 13.52 9.05 23.10
CA ARG B 283 14.70 8.31 22.71
C ARG B 283 14.78 8.18 21.18
N THR B 284 13.65 7.86 20.55
CA THR B 284 13.59 7.54 19.12
C THR B 284 13.86 8.78 18.27
N LEU B 285 13.22 9.89 18.61
CA LEU B 285 13.53 11.17 17.94
C LEU B 285 15.02 11.54 18.07
N LYS B 286 15.62 11.31 19.25
CA LYS B 286 17.08 11.52 19.44
C LYS B 286 17.93 10.60 18.56
N GLN B 287 17.58 9.34 18.48
CA GLN B 287 18.32 8.37 17.71
C GLN B 287 18.44 8.75 16.23
N ILE B 288 17.31 9.08 15.61
CA ILE B 288 17.25 9.35 14.15
C ILE B 288 17.89 10.69 13.84
N ARG B 289 18.14 11.47 14.88
CA ARG B 289 18.87 12.74 14.72
C ARG B 289 20.33 12.62 15.13
N GLY B 290 20.73 11.47 15.66
CA GLY B 290 22.14 11.27 16.01
C GLY B 290 23.16 11.19 14.84
N ARG B 291 24.37 11.64 15.12
CA ARG B 291 25.48 11.58 14.21
C ARG B 291 25.69 10.16 13.66
N GLY B 292 25.79 10.00 12.34
CA GLY B 292 26.00 8.68 11.80
C GLY B 292 24.72 7.89 11.51
N PHE B 293 23.57 8.42 11.93
CA PHE B 293 22.27 7.76 11.65
C PHE B 293 21.74 8.19 10.29
N CYS B 294 21.94 7.36 9.28
CA CYS B 294 21.65 7.78 7.93
C CYS B 294 20.68 6.85 7.23
N LEU B 295 20.63 6.92 5.90
CA LEU B 295 19.63 6.14 5.17
C LEU B 295 19.65 4.64 5.49
N PRO B 296 20.85 3.98 5.45
CA PRO B 296 20.88 2.56 5.83
C PRO B 296 20.28 2.29 7.23
N GLN B 297 20.57 3.16 8.19
CA GLN B 297 20.06 2.96 9.56
C GLN B 297 18.55 3.23 9.62
N VAL B 298 18.07 4.18 8.83
CA VAL B 298 16.62 4.48 8.82
C VAL B 298 15.87 3.23 8.33
N VAL B 299 16.39 2.59 7.28
CA VAL B 299 15.83 1.30 6.77
C VAL B 299 15.88 0.14 7.80
N LEU B 300 17.07 -0.19 8.32
CA LEU B 300 17.24 -1.29 9.24
C LEU B 300 16.53 -1.15 10.59
N THR B 301 16.45 0.07 11.09
CA THR B 301 16.08 0.30 12.48
C THR B 301 14.56 0.31 12.70
N TYR B 302 13.79 0.83 11.75
CA TYR B 302 12.40 1.17 12.07
C TYR B 302 11.30 0.37 11.35
N PRO B 303 11.62 -0.83 10.82
CA PRO B 303 10.54 -1.51 10.03
C PRO B 303 9.30 -1.79 10.87
N PHE B 304 8.09 -1.50 10.35
CA PHE B 304 6.81 -1.73 11.11
C PHE B 304 6.58 -0.77 12.30
N LEU B 305 7.41 0.26 12.41
CA LEU B 305 7.14 1.28 13.44
C LEU B 305 5.82 2.02 13.09
N ASN B 306 4.89 2.10 14.07
CA ASN B 306 3.78 3.05 13.98
C ASN B 306 4.24 4.34 14.67
N VAL B 307 4.41 5.40 13.92
CA VAL B 307 4.95 6.63 14.46
C VAL B 307 4.05 7.15 15.59
N PHE B 308 2.74 6.87 15.54
CA PHE B 308 1.80 7.27 16.60
C PHE B 308 2.07 6.60 17.95
N SER B 309 2.80 5.49 17.94
CA SER B 309 3.23 4.88 19.17
C SER B 309 4.23 5.78 19.90
N LEU B 310 4.71 6.86 19.28
CA LEU B 310 5.72 7.68 19.98
C LEU B 310 5.11 8.87 20.71
N VAL B 311 3.82 9.06 20.48
CA VAL B 311 3.08 10.16 21.06
C VAL B 311 1.87 9.67 21.86
N ASN B 312 1.26 10.58 22.61
CA ASN B 312 0.09 10.27 23.42
C ASN B 312 -1.17 10.61 22.61
N ASP B 313 -1.00 10.72 21.28
CA ASP B 313 -1.97 11.44 20.45
C ASP B 313 -2.13 10.91 19.02
N THR B 314 -3.20 10.15 18.87
CA THR B 314 -3.58 9.51 17.63
C THR B 314 -4.06 10.51 16.56
N ASN B 315 -4.46 11.70 17.00
CA ASN B 315 -5.11 12.70 16.15
C ASN B 315 -4.16 13.80 15.71
N LEU B 316 -2.87 13.49 15.77
CA LEU B 316 -1.84 14.50 15.55
C LEU B 316 -1.95 15.13 14.15
N LEU B 317 -2.25 14.33 13.13
CA LEU B 317 -2.40 14.84 11.76
C LEU B 317 -3.41 15.98 11.63
N ASN B 318 -4.43 15.92 12.48
CA ASN B 318 -5.57 16.83 12.38
C ASN B 318 -5.45 18.03 13.27
N GLU B 319 -4.44 18.08 14.12
CA GLU B 319 -4.34 19.22 15.00
C GLU B 319 -3.49 20.30 14.42
N ALA B 320 -3.84 21.55 14.70
CA ALA B 320 -2.92 22.62 14.42
C ALA B 320 -1.75 22.49 15.44
N PRO B 321 -0.53 22.86 15.05
CA PRO B 321 -0.13 23.42 13.79
C PRO B 321 0.24 22.38 12.73
N ILE B 322 0.18 21.08 13.06
CA ILE B 322 0.56 20.05 12.09
C ILE B 322 -0.31 20.09 10.81
N ALA B 323 -1.64 20.08 10.97
CA ALA B 323 -2.54 20.15 9.84
C ALA B 323 -2.19 21.30 8.90
N SER B 324 -1.99 22.53 9.42
CA SER B 324 -1.74 23.67 8.55
C SER B 324 -0.36 23.63 7.86
N ILE B 325 0.62 22.96 8.50
CA ILE B 325 1.96 22.74 7.93
C ILE B 325 1.87 21.79 6.76
N LEU B 326 1.13 20.69 6.92
CA LEU B 326 0.98 19.69 5.89
C LEU B 326 0.39 20.26 4.58
N LYS B 327 -0.43 21.28 4.70
CA LYS B 327 -1.04 21.97 3.56
C LYS B 327 -0.13 22.97 2.87
N GLN B 328 0.90 23.38 3.58
CA GLN B 328 2.00 24.16 3.11
C GLN B 328 3.02 23.23 2.44
N GLU B 329 3.20 22.05 3.00
CA GLU B 329 4.24 21.08 2.60
C GLU B 329 3.77 19.97 1.59
N THR B 330 3.22 20.44 0.51
CA THR B 330 2.68 19.69 -0.61
C THR B 330 2.63 20.54 -1.86
N VAL B 331 2.76 19.91 -3.00
CA VAL B 331 2.56 20.59 -4.30
C VAL B 331 1.30 20.05 -5.01
N VAL B 332 0.50 19.27 -4.29
CA VAL B 332 -0.77 18.80 -4.82
C VAL B 332 -1.80 19.91 -4.50
N GLN B 333 -2.30 20.56 -5.56
CA GLN B 333 -3.16 21.76 -5.42
C GLN B 333 -4.47 21.53 -4.64
N ALA B 334 -5.07 20.40 -4.83
CA ALA B 334 -6.27 19.97 -4.13
C ALA B 334 -6.04 19.95 -2.61
N GLU B 335 -4.79 19.72 -2.19
CA GLU B 335 -4.47 19.65 -0.79
C GLU B 335 -3.87 20.98 -0.30
N ALA B 336 -3.24 21.76 -1.19
CA ALA B 336 -2.45 22.89 -0.75
C ALA B 336 -3.35 24.01 -0.21
N SER B 337 -2.86 24.75 0.79
CA SER B 337 -3.48 26.01 1.25
C SER B 337 -3.00 27.28 0.52
N TYR B 338 -2.17 27.14 -0.51
CA TYR B 338 -1.61 28.29 -1.21
C TYR B 338 -1.72 27.93 -2.70
N THR B 339 -1.50 28.90 -3.58
CA THR B 339 -1.54 28.62 -5.01
C THR B 339 -0.20 28.02 -5.40
N VAL B 340 -0.17 26.75 -5.81
CA VAL B 340 1.08 26.07 -6.25
C VAL B 340 1.55 26.58 -7.61
N SER B 341 2.86 26.82 -7.74
CA SER B 341 3.43 27.15 -9.02
C SER B 341 3.20 26.07 -10.09
N VAL B 342 3.06 26.47 -11.23
CA VAL B 342 2.96 25.52 -12.31
C VAL B 342 4.13 25.75 -13.31
N PRO B 343 5.36 25.23 -13.24
CA PRO B 343 6.50 25.42 -14.16
C PRO B 343 6.04 25.19 -15.60
N LYS B 344 6.44 26.06 -16.52
CA LYS B 344 5.96 25.96 -17.90
C LYS B 344 6.95 25.26 -18.84
N PHE B 345 8.24 25.23 -18.45
CA PHE B 345 9.35 24.64 -19.23
C PHE B 345 9.16 23.12 -19.37
N PRO B 346 9.81 22.52 -20.38
CA PRO B 346 9.63 21.07 -20.56
C PRO B 346 10.08 20.25 -19.37
N ARG B 347 9.24 19.28 -18.99
CA ARG B 347 9.60 18.36 -17.90
C ARG B 347 9.34 16.95 -18.32
N PHE B 348 10.08 16.04 -17.70
CA PHE B 348 9.90 14.63 -17.80
C PHE B 348 9.67 14.07 -16.37
N ILE B 349 8.59 13.30 -16.19
CA ILE B 349 8.27 12.72 -14.86
C ILE B 349 7.97 11.26 -15.02
N TRP B 350 8.67 10.41 -14.27
CA TRP B 350 8.38 8.98 -14.31
C TRP B 350 8.08 8.42 -12.93
N HIS B 351 7.46 7.20 -12.87
CA HIS B 351 6.99 6.62 -11.61
C HIS B 351 6.62 5.17 -11.84
N ALA B 352 6.99 4.32 -10.94
CA ALA B 352 6.42 2.98 -10.89
C ALA B 352 4.92 3.06 -10.50
N ILE B 353 3.99 2.72 -11.39
CA ILE B 353 2.60 2.59 -10.90
C ILE B 353 2.50 1.68 -9.63
N PRO B 354 3.20 0.51 -9.63
CA PRO B 354 3.17 -0.27 -8.36
C PRO B 354 4.26 0.11 -7.30
N ASP B 355 4.69 1.35 -7.27
CA ASP B 355 5.67 1.76 -6.27
C ASP B 355 5.19 1.35 -4.87
N GLU B 356 6.07 0.69 -4.11
CA GLU B 356 5.80 0.19 -2.74
C GLU B 356 6.50 1.13 -1.73
N ILE B 357 7.04 2.21 -2.22
CA ILE B 357 7.70 3.20 -1.36
C ILE B 357 7.10 4.64 -1.36
N VAL B 358 7.00 5.22 -2.53
CA VAL B 358 6.45 6.53 -2.72
C VAL B 358 5.19 6.29 -3.53
N PRO B 359 4.05 6.70 -2.99
CA PRO B 359 2.81 6.33 -3.66
C PRO B 359 2.65 7.01 -5.04
N TYR B 360 2.17 6.20 -5.99
CA TYR B 360 1.96 6.62 -7.37
C TYR B 360 0.80 7.65 -7.55
N GLN B 361 -0.33 7.46 -6.88
CA GLN B 361 -1.51 8.32 -7.20
C GLN B 361 -1.35 9.79 -6.93
N PRO B 362 -0.75 10.16 -5.78
CA PRO B 362 -0.48 11.61 -5.61
C PRO B 362 0.43 12.22 -6.71
N ALA B 363 1.46 11.50 -7.15
CA ALA B 363 2.22 11.96 -8.32
C ALA B 363 1.37 12.10 -9.61
N ALA B 364 0.47 11.12 -9.81
CA ALA B 364 -0.38 11.10 -10.99
C ALA B 364 -1.32 12.30 -10.95
N THR B 365 -1.83 12.62 -9.76
CA THR B 365 -2.67 13.80 -9.49
C THR B 365 -1.94 15.13 -9.69
N TYR B 366 -0.71 15.22 -9.18
CA TYR B 366 0.12 16.38 -9.50
C TYR B 366 0.22 16.63 -11.04
N VAL B 367 0.59 15.59 -11.79
CA VAL B 367 0.78 15.72 -13.23
C VAL B 367 -0.54 16.18 -13.90
N LYS B 368 -1.63 15.54 -13.53
CA LYS B 368 -2.93 15.90 -14.04
C LYS B 368 -3.26 17.39 -13.75
N GLU B 369 -3.15 17.83 -12.46
CA GLU B 369 -3.34 19.25 -12.08
C GLU B 369 -2.49 20.21 -12.91
N GLN B 370 -1.19 19.93 -12.93
CA GLN B 370 -0.20 20.72 -13.66
C GLN B 370 -0.50 20.84 -15.16
N CYS B 371 -0.83 19.73 -15.78
CA CYS B 371 -1.24 19.72 -17.21
C CYS B 371 -2.52 20.53 -17.51
N ALA B 372 -3.54 20.40 -16.67
CA ALA B 372 -4.77 21.17 -16.81
C ALA B 372 -4.50 22.65 -16.76
N LYS B 373 -3.42 23.06 -16.07
CA LYS B 373 -3.00 24.49 -15.96
C LYS B 373 -1.91 24.98 -16.92
N GLY B 374 -1.60 24.18 -17.94
CA GLY B 374 -0.65 24.58 -18.96
C GLY B 374 0.80 24.14 -18.87
N ALA B 375 1.08 23.15 -18.00
CA ALA B 375 2.41 22.55 -17.90
C ALA B 375 2.81 21.80 -19.18
N ASN B 376 4.08 21.41 -19.28
CA ASN B 376 4.55 20.60 -20.42
C ASN B 376 5.30 19.39 -19.93
N ILE B 377 4.57 18.29 -19.75
CA ILE B 377 5.08 17.11 -19.04
C ILE B 377 4.98 15.86 -19.91
N ASN B 378 6.14 15.27 -20.19
CA ASN B 378 6.23 13.96 -20.77
C ASN B 378 6.18 13.05 -19.57
N PHE B 379 5.08 12.32 -19.44
CA PHE B 379 4.77 11.49 -18.27
C PHE B 379 5.02 10.01 -18.55
N SER B 380 5.92 9.40 -17.83
CA SER B 380 6.18 7.99 -17.97
C SER B 380 5.80 7.08 -16.81
N PRO B 381 4.56 6.70 -16.71
CA PRO B 381 4.23 5.73 -15.66
C PRO B 381 4.42 4.28 -16.08
N TYR B 382 5.28 3.56 -15.36
CA TYR B 382 5.58 2.16 -15.61
C TYR B 382 4.58 1.22 -14.92
N PRO B 383 3.77 0.49 -15.72
CA PRO B 383 2.74 -0.39 -15.14
C PRO B 383 3.28 -1.60 -14.43
N ILE B 384 4.45 -2.10 -14.85
CA ILE B 384 5.06 -3.21 -14.16
C ILE B 384 6.46 -2.81 -13.71
N ALA B 385 6.60 -2.47 -12.43
CA ALA B 385 7.84 -1.92 -11.91
C ALA B 385 7.66 -1.76 -10.42
N GLU B 386 8.75 -1.52 -9.71
CA GLU B 386 8.70 -1.17 -8.30
C GLU B 386 9.58 0.05 -8.16
N HIS B 387 9.77 0.55 -6.93
CA HIS B 387 10.56 1.76 -6.74
C HIS B 387 12.00 1.71 -7.32
N LEU B 388 12.73 0.67 -6.95
CA LEU B 388 14.12 0.47 -7.41
C LEU B 388 14.24 0.07 -8.88
N THR B 389 13.25 -0.62 -9.38
CA THR B 389 13.33 -0.97 -10.80
C THR B 389 12.99 0.18 -11.71
N ALA B 390 11.94 0.98 -11.38
CA ALA B 390 11.65 2.18 -12.12
C ALA B 390 12.80 3.21 -12.03
N GLU B 391 13.58 3.14 -10.94
CA GLU B 391 14.75 4.02 -10.82
C GLU B 391 15.70 3.84 -12.01
N ILE B 392 15.90 2.58 -12.45
CA ILE B 392 16.69 2.30 -13.67
C ILE B 392 15.92 2.44 -15.00
N PHE B 393 14.66 1.97 -15.05
CA PHE B 393 13.88 2.14 -16.32
C PHE B 393 13.90 3.58 -16.82
N GLY B 394 13.74 4.54 -15.91
CA GLY B 394 13.58 5.93 -16.37
C GLY B 394 14.89 6.66 -16.54
N LEU B 395 16.01 6.03 -16.16
CA LEU B 395 17.30 6.73 -16.07
C LEU B 395 17.78 7.23 -17.45
N VAL B 396 17.86 6.35 -18.42
CA VAL B 396 18.40 6.79 -19.72
C VAL B 396 17.47 7.75 -20.48
N PRO B 397 16.15 7.49 -20.44
CA PRO B 397 15.20 8.51 -20.95
C PRO B 397 15.25 9.86 -20.20
N SER B 398 15.47 9.82 -18.88
CA SER B 398 15.66 11.06 -18.06
C SER B 398 16.85 11.88 -18.56
N LEU B 399 17.97 11.20 -18.79
CA LEU B 399 19.18 11.91 -19.19
C LEU B 399 19.08 12.41 -20.66
N TRP B 400 18.60 11.51 -21.52
CA TRP B 400 18.23 11.91 -22.88
C TRP B 400 17.36 13.17 -22.90
N PHE B 401 16.27 13.13 -22.14
CA PHE B 401 15.39 14.29 -22.02
C PHE B 401 16.12 15.58 -21.62
N ILE B 402 17.03 15.47 -20.65
CA ILE B 402 17.80 16.65 -20.15
C ILE B 402 18.63 17.31 -21.25
N LYS B 403 19.31 16.47 -22.04
CA LYS B 403 20.05 16.88 -23.22
C LYS B 403 19.16 17.60 -24.22
N GLN B 404 18.02 17.02 -24.59
CA GLN B 404 17.07 17.70 -25.44
C GLN B 404 16.69 19.03 -24.90
N ALA B 405 16.45 19.11 -23.58
CA ALA B 405 16.01 20.35 -22.97
C ALA B 405 17.12 21.41 -23.07
N PHE B 406 18.37 21.01 -22.81
CA PHE B 406 19.50 21.94 -23.01
C PHE B 406 19.61 22.37 -24.48
N ASP B 407 19.23 21.47 -25.39
CA ASP B 407 19.46 21.67 -26.82
C ASP B 407 18.28 22.41 -27.46
N GLY B 408 17.15 22.52 -26.75
CA GLY B 408 15.99 23.20 -27.30
C GLY B 408 15.27 22.29 -28.26
N THR B 409 15.53 20.97 -28.15
CA THR B 409 14.90 19.96 -29.02
C THR B 409 13.97 18.91 -28.33
N THR B 410 13.32 19.25 -27.22
CA THR B 410 12.45 18.26 -26.60
C THR B 410 11.25 18.03 -27.51
N PRO B 411 10.79 16.79 -27.59
CA PRO B 411 9.57 16.46 -28.33
C PRO B 411 8.35 17.30 -27.91
N LYS B 412 7.47 17.51 -28.90
CA LYS B 412 6.12 18.01 -28.64
C LYS B 412 5.20 16.86 -28.27
N VAL B 413 4.66 16.91 -27.06
CA VAL B 413 3.91 15.77 -26.51
C VAL B 413 2.55 16.29 -25.98
N ILE B 414 1.58 15.41 -25.93
CA ILE B 414 0.31 15.72 -25.28
C ILE B 414 0.61 15.67 -23.78
N CYS B 415 0.50 16.84 -23.09
CA CYS B 415 0.83 16.89 -21.64
C CYS B 415 0.15 15.77 -20.88
N GLY B 416 0.95 15.04 -20.10
CA GLY B 416 0.43 14.11 -19.13
C GLY B 416 -0.04 12.82 -19.75
N THR B 417 -0.01 12.67 -21.08
CA THR B 417 -0.44 11.39 -21.63
C THR B 417 0.54 10.30 -21.18
N PRO B 418 0.00 9.21 -20.63
CA PRO B 418 0.93 8.21 -20.07
C PRO B 418 1.63 7.33 -21.12
N ILE B 419 2.97 7.47 -21.22
CA ILE B 419 3.79 6.63 -22.11
C ILE B 419 5.02 6.10 -21.40
N PRO B 420 5.07 4.81 -21.06
CA PRO B 420 6.30 4.26 -20.53
C PRO B 420 7.52 4.60 -21.44
N ALA B 421 8.51 5.30 -20.89
CA ALA B 421 9.73 5.57 -21.66
C ALA B 421 10.72 4.38 -21.70
N ILE B 422 11.09 3.97 -22.91
CA ILE B 422 11.90 2.74 -23.04
C ILE B 422 13.16 3.02 -23.86
N ALA B 423 14.33 2.94 -23.22
CA ALA B 423 15.60 3.13 -23.90
C ALA B 423 15.70 2.18 -25.12
N GLY B 424 16.11 2.72 -26.25
CA GLY B 424 16.23 1.97 -27.49
C GLY B 424 14.94 1.93 -28.30
N ILE B 425 13.86 2.45 -27.76
CA ILE B 425 12.60 2.41 -28.43
C ILE B 425 12.02 3.82 -28.58
N THR B 426 11.68 4.41 -27.45
CA THR B 426 11.17 5.74 -27.44
C THR B 426 12.27 6.73 -27.26
N THR B 427 13.45 6.27 -26.90
CA THR B 427 14.64 7.12 -26.82
C THR B 427 15.80 6.33 -27.40
N PRO B 428 16.95 6.97 -27.65
CA PRO B 428 18.09 6.18 -28.08
C PRO B 428 18.50 5.18 -26.98
N SER B 429 19.41 4.27 -27.32
CA SER B 429 19.74 3.17 -26.42
C SER B 429 20.69 3.67 -25.34
N ALA B 430 20.94 2.83 -24.32
CA ALA B 430 21.86 3.21 -23.23
C ALA B 430 23.25 3.52 -23.80
N ASP B 431 23.72 2.66 -24.72
CA ASP B 431 25.04 2.88 -25.34
C ASP B 431 25.06 4.20 -26.14
N GLN B 432 23.97 4.53 -26.82
CA GLN B 432 23.89 5.80 -27.58
C GLN B 432 23.88 7.01 -26.68
N VAL B 433 23.09 6.97 -25.61
CA VAL B 433 22.97 8.12 -24.71
C VAL B 433 24.20 8.29 -23.79
N LEU B 434 24.66 7.20 -23.19
CA LEU B 434 25.64 7.25 -22.13
C LEU B 434 27.06 7.01 -22.59
N GLY B 435 27.23 6.34 -23.73
CA GLY B 435 28.54 5.80 -24.15
C GLY B 435 28.67 4.40 -23.57
N SER B 436 29.59 3.60 -24.08
CA SER B 436 29.64 2.20 -23.71
C SER B 436 30.12 1.99 -22.28
N ASP B 437 31.08 2.80 -21.85
CA ASP B 437 31.59 2.77 -20.48
C ASP B 437 30.46 2.92 -19.46
N LEU B 438 29.84 4.11 -19.44
CA LEU B 438 28.74 4.41 -18.54
C LEU B 438 27.56 3.42 -18.68
N ALA B 439 27.19 2.99 -19.90
CA ALA B 439 26.14 1.95 -20.11
C ALA B 439 26.49 0.62 -19.44
N ASN B 440 27.76 0.23 -19.55
CA ASN B 440 28.25 -0.98 -18.87
C ASN B 440 28.12 -0.85 -17.36
N GLN B 441 28.51 0.32 -16.84
CA GLN B 441 28.30 0.57 -15.40
C GLN B 441 26.82 0.48 -14.98
N LEU B 442 25.93 1.00 -15.81
CA LEU B 442 24.50 0.92 -15.54
C LEU B 442 23.99 -0.52 -15.55
N ARG B 443 24.45 -1.33 -16.51
CA ARG B 443 24.15 -2.79 -16.56
C ARG B 443 24.65 -3.60 -15.37
N SER B 444 25.80 -3.18 -14.84
CA SER B 444 26.32 -3.79 -13.63
C SER B 444 25.41 -3.52 -12.46
N LEU B 445 24.54 -2.54 -12.51
CA LEU B 445 23.66 -2.29 -11.38
C LEU B 445 22.58 -3.37 -11.22
N ASP B 446 22.24 -4.09 -12.30
CA ASP B 446 21.18 -5.12 -12.31
C ASP B 446 21.41 -6.17 -11.24
N GLY B 447 20.47 -6.30 -10.32
CA GLY B 447 20.62 -7.26 -9.23
C GLY B 447 21.46 -6.82 -8.04
N LYS B 448 22.09 -5.65 -8.11
CA LYS B 448 22.78 -5.14 -6.94
C LYS B 448 21.78 -4.53 -5.94
N GLN B 449 22.15 -4.53 -4.66
CA GLN B 449 21.43 -3.86 -3.58
C GLN B 449 21.48 -2.34 -3.76
N SER B 450 20.34 -1.69 -3.63
CA SER B 450 20.27 -0.24 -3.68
C SER B 450 20.45 0.26 -2.22
N ALA B 451 20.42 1.57 -2.03
CA ALA B 451 20.44 2.13 -0.67
C ALA B 451 19.24 1.65 0.18
N PHE B 452 18.17 1.16 -0.47
CA PHE B 452 16.95 0.76 0.25
C PHE B 452 16.92 -0.72 0.64
N GLY B 453 17.98 -1.47 0.29
CA GLY B 453 17.97 -2.95 0.40
C GLY B 453 17.54 -3.62 -0.91
N LYS B 454 16.36 -3.28 -1.41
CA LYS B 454 15.81 -3.84 -2.61
C LYS B 454 16.76 -3.68 -3.79
N PRO B 455 16.83 -4.69 -4.69
CA PRO B 455 17.74 -4.67 -5.82
C PRO B 455 17.25 -3.85 -7.04
N PHE B 456 18.22 -3.24 -7.72
CA PHE B 456 17.95 -2.63 -9.02
C PHE B 456 17.70 -3.73 -10.05
N GLY B 457 17.10 -3.38 -11.18
CA GLY B 457 16.92 -4.34 -12.28
C GLY B 457 17.62 -3.90 -13.58
N PRO B 458 17.12 -4.42 -14.74
CA PRO B 458 17.65 -4.10 -16.07
C PRO B 458 17.23 -2.69 -16.52
N ILE B 459 17.81 -2.29 -17.64
CA ILE B 459 17.60 -0.99 -18.24
C ILE B 459 16.19 -0.85 -18.82
N THR B 460 15.67 -1.92 -19.45
CA THR B 460 14.31 -1.88 -19.97
C THR B 460 13.39 -2.86 -19.22
N PRO B 461 12.09 -2.54 -19.10
CA PRO B 461 11.18 -3.49 -18.47
C PRO B 461 11.26 -4.83 -19.20
N PRO B 462 11.45 -5.95 -18.47
CA PRO B 462 11.60 -7.29 -19.06
C PRO B 462 10.27 -7.90 -19.47
#